data_4YTV
# 
_entry.id   4YTV 
# 
_audit_conform.dict_name       mmcif_pdbx.dic 
_audit_conform.dict_version    5.397 
_audit_conform.dict_location   http://mmcif.pdb.org/dictionaries/ascii/mmcif_pdbx.dic 
# 
loop_
_database_2.database_id 
_database_2.database_code 
_database_2.pdbx_database_accession 
_database_2.pdbx_DOI 
PDB   4YTV         pdb_00004ytv 10.2210/pdb4ytv/pdb 
WWPDB D_1000206432 ?            ?                   
# 
loop_
_pdbx_audit_revision_history.ordinal 
_pdbx_audit_revision_history.data_content_type 
_pdbx_audit_revision_history.major_revision 
_pdbx_audit_revision_history.minor_revision 
_pdbx_audit_revision_history.revision_date 
1 'Structure model' 1 0 2015-08-12 
2 'Structure model' 1 1 2015-09-09 
3 'Structure model' 1 2 2020-02-05 
4 'Structure model' 1 3 2024-10-16 
# 
_pdbx_audit_revision_details.ordinal             1 
_pdbx_audit_revision_details.revision_ordinal    1 
_pdbx_audit_revision_details.data_content_type   'Structure model' 
_pdbx_audit_revision_details.provider            repository 
_pdbx_audit_revision_details.type                'Initial release' 
_pdbx_audit_revision_details.description         ? 
_pdbx_audit_revision_details.details             ? 
# 
loop_
_pdbx_audit_revision_group.ordinal 
_pdbx_audit_revision_group.revision_ordinal 
_pdbx_audit_revision_group.data_content_type 
_pdbx_audit_revision_group.group 
1 2 'Structure model' 'Database references'  
2 3 'Structure model' 'Data collection'      
3 3 'Structure model' 'Derived calculations' 
4 4 'Structure model' 'Data collection'      
5 4 'Structure model' 'Database references'  
6 4 'Structure model' 'Structure summary'    
# 
loop_
_pdbx_audit_revision_category.ordinal 
_pdbx_audit_revision_category.revision_ordinal 
_pdbx_audit_revision_category.data_content_type 
_pdbx_audit_revision_category.category 
1 3 'Structure model' diffrn_source             
2 3 'Structure model' pdbx_struct_oper_list     
3 4 'Structure model' chem_comp_atom            
4 4 'Structure model' chem_comp_bond            
5 4 'Structure model' database_2                
6 4 'Structure model' pdbx_entry_details        
7 4 'Structure model' pdbx_modification_feature 
# 
loop_
_pdbx_audit_revision_item.ordinal 
_pdbx_audit_revision_item.revision_ordinal 
_pdbx_audit_revision_item.data_content_type 
_pdbx_audit_revision_item.item 
1 3 'Structure model' '_diffrn_source.pdbx_synchrotron_site'      
2 3 'Structure model' '_pdbx_struct_oper_list.symmetry_operation' 
3 4 'Structure model' '_database_2.pdbx_DOI'                      
4 4 'Structure model' '_database_2.pdbx_database_accession'       
# 
_pdbx_database_status.status_code                     REL 
_pdbx_database_status.status_code_sf                  REL 
_pdbx_database_status.status_code_mr                  ? 
_pdbx_database_status.entry_id                        4YTV 
_pdbx_database_status.recvd_initial_deposition_date   2015-03-18 
_pdbx_database_status.SG_entry                        N 
_pdbx_database_status.deposit_site                    RCSB 
_pdbx_database_status.process_site                    PDBJ 
_pdbx_database_status.status_code_cs                  ? 
_pdbx_database_status.methods_development_category    ? 
_pdbx_database_status.pdb_format_compatible           Y 
_pdbx_database_status.status_code_nmr_data            ? 
# 
loop_
_pdbx_database_related.content_type 
_pdbx_database_related.db_id 
_pdbx_database_related.db_name 
_pdbx_database_related.details 
unspecified 4YTW PDB . 
unspecified 4YTX PDB . 
# 
loop_
_audit_author.name 
_audit_author.pdbx_ordinal 
'Watanabe, Y.' 1 
'Tamura, Y.'   2 
'Kawano, S.'   3 
'Endo, T.'     4 
# 
_citation.abstract                  ? 
_citation.abstract_id_CAS           ? 
_citation.book_id_ISBN              ? 
_citation.book_publisher            ? 
_citation.book_publisher_city       ? 
_citation.book_title                ? 
_citation.coordinate_linkage        ? 
_citation.country                   UK 
_citation.database_id_Medline       ? 
_citation.details                   ? 
_citation.id                        primary 
_citation.journal_abbrev            'Nat Commun' 
_citation.journal_id_ASTM           ? 
_citation.journal_id_CSD            ? 
_citation.journal_id_ISSN           2041-1723 
_citation.journal_full              ? 
_citation.journal_issue             ? 
_citation.journal_volume            6 
_citation.language                  ? 
_citation.page_first                7922 
_citation.page_last                 7922 
_citation.title                     'Structural and mechanistic insights into phospholipid transfer by Ups1-Mdm35 in mitochondria.' 
_citation.year                      2015 
_citation.database_id_CSD           ? 
_citation.pdbx_database_id_DOI      10.1038/ncomms8922 
_citation.pdbx_database_id_PubMed   26235513 
_citation.unpublished_flag          ? 
# 
loop_
_citation_author.citation_id 
_citation_author.name 
_citation_author.ordinal 
_citation_author.identifier_ORCID 
primary 'Watanabe, Y.' 1 ? 
primary 'Tamura, Y.'   2 ? 
primary 'Kawano, S.'   3 ? 
primary 'Endo, T.'     4 ? 
# 
loop_
_entity.id 
_entity.type 
_entity.src_method 
_entity.pdbx_description 
_entity.formula_weight 
_entity.pdbx_number_of_molecules 
_entity.pdbx_ec 
_entity.pdbx_mutation 
_entity.pdbx_fragment 
_entity.details 
1 polymer     man 'Mitochondrial distribution and morphology protein 35' 9414.575 1  ? ? 'UNP RESIDUES 1-81' ? 
2 non-polymer syn GLYCEROL                                               92.094   1  ? ? ?                   ? 
3 non-polymer syn 'COBALT (II) ION'                                      58.933   1  ? ? ?                   ? 
4 water       nat water                                                  18.015   72 ? ? ?                   ? 
# 
_entity_poly.entity_id                      1 
_entity_poly.type                           'polypeptide(L)' 
_entity_poly.nstd_linkage                   no 
_entity_poly.nstd_monomer                   no 
_entity_poly.pdbx_seq_one_letter_code       
;GPHMGNIMSASFAPECTDLKTKYDSCFNEWYSEKFLKGKSVENECSKQWYAYTTCVNAALVKQGIKPALDEAREEAPFEN
GGKL
;
_entity_poly.pdbx_seq_one_letter_code_can   
;GPHMGNIMSASFAPECTDLKTKYDSCFNEWYSEKFLKGKSVENECSKQWYAYTTCVNAALVKQGIKPALDEAREEAPFEN
GGKL
;
_entity_poly.pdbx_strand_id                 A 
_entity_poly.pdbx_target_identifier         ? 
# 
loop_
_pdbx_entity_nonpoly.entity_id 
_pdbx_entity_nonpoly.name 
_pdbx_entity_nonpoly.comp_id 
2 GLYCEROL          GOL 
3 'COBALT (II) ION' CO  
4 water             HOH 
# 
loop_
_entity_poly_seq.entity_id 
_entity_poly_seq.num 
_entity_poly_seq.mon_id 
_entity_poly_seq.hetero 
1 1  GLY n 
1 2  PRO n 
1 3  HIS n 
1 4  MET n 
1 5  GLY n 
1 6  ASN n 
1 7  ILE n 
1 8  MET n 
1 9  SER n 
1 10 ALA n 
1 11 SER n 
1 12 PHE n 
1 13 ALA n 
1 14 PRO n 
1 15 GLU n 
1 16 CYS n 
1 17 THR n 
1 18 ASP n 
1 19 LEU n 
1 20 LYS n 
1 21 THR n 
1 22 LYS n 
1 23 TYR n 
1 24 ASP n 
1 25 SER n 
1 26 CYS n 
1 27 PHE n 
1 28 ASN n 
1 29 GLU n 
1 30 TRP n 
1 31 TYR n 
1 32 SER n 
1 33 GLU n 
1 34 LYS n 
1 35 PHE n 
1 36 LEU n 
1 37 LYS n 
1 38 GLY n 
1 39 LYS n 
1 40 SER n 
1 41 VAL n 
1 42 GLU n 
1 43 ASN n 
1 44 GLU n 
1 45 CYS n 
1 46 SER n 
1 47 LYS n 
1 48 GLN n 
1 49 TRP n 
1 50 TYR n 
1 51 ALA n 
1 52 TYR n 
1 53 THR n 
1 54 THR n 
1 55 CYS n 
1 56 VAL n 
1 57 ASN n 
1 58 ALA n 
1 59 ALA n 
1 60 LEU n 
1 61 VAL n 
1 62 LYS n 
1 63 GLN n 
1 64 GLY n 
1 65 ILE n 
1 66 LYS n 
1 67 PRO n 
1 68 ALA n 
1 69 LEU n 
1 70 ASP n 
1 71 GLU n 
1 72 ALA n 
1 73 ARG n 
1 74 GLU n 
1 75 GLU n 
1 76 ALA n 
1 77 PRO n 
1 78 PHE n 
1 79 GLU n 
1 80 ASN n 
1 81 GLY n 
1 82 GLY n 
1 83 LYS n 
1 84 LEU n 
# 
_entity_src_gen.entity_id                          1 
_entity_src_gen.pdbx_src_id                        1 
_entity_src_gen.pdbx_alt_source_flag               sample 
_entity_src_gen.pdbx_seq_type                      'Biological sequence' 
_entity_src_gen.pdbx_beg_seq_num                   1 
_entity_src_gen.pdbx_end_seq_num                   84 
_entity_src_gen.gene_src_common_name               
;Baker's yeast
;
_entity_src_gen.gene_src_genus                     ? 
_entity_src_gen.pdbx_gene_src_gene                 'MDM35, YKL053C-A' 
_entity_src_gen.gene_src_species                   ? 
_entity_src_gen.gene_src_strain                    'ATCC 204508 / S288c' 
_entity_src_gen.gene_src_tissue                    ? 
_entity_src_gen.gene_src_tissue_fraction           ? 
_entity_src_gen.gene_src_details                   ? 
_entity_src_gen.pdbx_gene_src_fragment             ? 
_entity_src_gen.pdbx_gene_src_scientific_name      'Saccharomyces cerevisiae' 
_entity_src_gen.pdbx_gene_src_ncbi_taxonomy_id     559292 
_entity_src_gen.pdbx_gene_src_variant              ? 
_entity_src_gen.pdbx_gene_src_cell_line            ? 
_entity_src_gen.pdbx_gene_src_atcc                 204508 
_entity_src_gen.pdbx_gene_src_organ                ? 
_entity_src_gen.pdbx_gene_src_organelle            ? 
_entity_src_gen.pdbx_gene_src_cell                 ? 
_entity_src_gen.pdbx_gene_src_cellular_location    ? 
_entity_src_gen.host_org_common_name               ? 
_entity_src_gen.pdbx_host_org_scientific_name      'Escherichia coli' 
_entity_src_gen.pdbx_host_org_ncbi_taxonomy_id     562 
_entity_src_gen.host_org_genus                     ? 
_entity_src_gen.pdbx_host_org_gene                 ? 
_entity_src_gen.pdbx_host_org_organ                ? 
_entity_src_gen.host_org_species                   ? 
_entity_src_gen.pdbx_host_org_tissue               ? 
_entity_src_gen.pdbx_host_org_tissue_fraction      ? 
_entity_src_gen.pdbx_host_org_strain               'SHuffle T7' 
_entity_src_gen.pdbx_host_org_variant              ? 
_entity_src_gen.pdbx_host_org_cell_line            ? 
_entity_src_gen.pdbx_host_org_atcc                 ? 
_entity_src_gen.pdbx_host_org_culture_collection   ? 
_entity_src_gen.pdbx_host_org_cell                 ? 
_entity_src_gen.pdbx_host_org_organelle            ? 
_entity_src_gen.pdbx_host_org_cellular_location    ? 
_entity_src_gen.pdbx_host_org_vector_type          plasmid 
_entity_src_gen.pdbx_host_org_vector               ? 
_entity_src_gen.host_org_details                   ? 
_entity_src_gen.expression_system_id               ? 
_entity_src_gen.plasmid_name                       pGEX-6p-1 
_entity_src_gen.plasmid_details                    ? 
_entity_src_gen.pdbx_description                   ? 
# 
loop_
_chem_comp.id 
_chem_comp.type 
_chem_comp.mon_nstd_flag 
_chem_comp.name 
_chem_comp.pdbx_synonyms 
_chem_comp.formula 
_chem_comp.formula_weight 
ALA 'L-peptide linking' y ALANINE           ?                               'C3 H7 N O2'     89.093  
ARG 'L-peptide linking' y ARGININE          ?                               'C6 H15 N4 O2 1' 175.209 
ASN 'L-peptide linking' y ASPARAGINE        ?                               'C4 H8 N2 O3'    132.118 
ASP 'L-peptide linking' y 'ASPARTIC ACID'   ?                               'C4 H7 N O4'     133.103 
CO  non-polymer         . 'COBALT (II) ION' ?                               'Co 2'           58.933  
CYS 'L-peptide linking' y CYSTEINE          ?                               'C3 H7 N O2 S'   121.158 
GLN 'L-peptide linking' y GLUTAMINE         ?                               'C5 H10 N2 O3'   146.144 
GLU 'L-peptide linking' y 'GLUTAMIC ACID'   ?                               'C5 H9 N O4'     147.129 
GLY 'peptide linking'   y GLYCINE           ?                               'C2 H5 N O2'     75.067  
GOL non-polymer         . GLYCEROL          'GLYCERIN; PROPANE-1,2,3-TRIOL' 'C3 H8 O3'       92.094  
HIS 'L-peptide linking' y HISTIDINE         ?                               'C6 H10 N3 O2 1' 156.162 
HOH non-polymer         . WATER             ?                               'H2 O'           18.015  
ILE 'L-peptide linking' y ISOLEUCINE        ?                               'C6 H13 N O2'    131.173 
LEU 'L-peptide linking' y LEUCINE           ?                               'C6 H13 N O2'    131.173 
LYS 'L-peptide linking' y LYSINE            ?                               'C6 H15 N2 O2 1' 147.195 
MET 'L-peptide linking' y METHIONINE        ?                               'C5 H11 N O2 S'  149.211 
PHE 'L-peptide linking' y PHENYLALANINE     ?                               'C9 H11 N O2'    165.189 
PRO 'L-peptide linking' y PROLINE           ?                               'C5 H9 N O2'     115.130 
SER 'L-peptide linking' y SERINE            ?                               'C3 H7 N O3'     105.093 
THR 'L-peptide linking' y THREONINE         ?                               'C4 H9 N O3'     119.119 
TRP 'L-peptide linking' y TRYPTOPHAN        ?                               'C11 H12 N2 O2'  204.225 
TYR 'L-peptide linking' y TYROSINE          ?                               'C9 H11 N O3'    181.189 
VAL 'L-peptide linking' y VALINE            ?                               'C5 H11 N O2'    117.146 
# 
loop_
_pdbx_poly_seq_scheme.asym_id 
_pdbx_poly_seq_scheme.entity_id 
_pdbx_poly_seq_scheme.seq_id 
_pdbx_poly_seq_scheme.mon_id 
_pdbx_poly_seq_scheme.ndb_seq_num 
_pdbx_poly_seq_scheme.pdb_seq_num 
_pdbx_poly_seq_scheme.auth_seq_num 
_pdbx_poly_seq_scheme.pdb_mon_id 
_pdbx_poly_seq_scheme.auth_mon_id 
_pdbx_poly_seq_scheme.pdb_strand_id 
_pdbx_poly_seq_scheme.pdb_ins_code 
_pdbx_poly_seq_scheme.hetero 
A 1 1  GLY 1  -2 -2 GLY GLY A . n 
A 1 2  PRO 2  -1 -1 PRO PRO A . n 
A 1 3  HIS 3  0  0  HIS HIS A . n 
A 1 4  MET 4  1  1  MET MET A . n 
A 1 5  GLY 5  2  2  GLY GLY A . n 
A 1 6  ASN 6  3  3  ASN ASN A . n 
A 1 7  ILE 7  4  4  ILE ILE A . n 
A 1 8  MET 8  5  5  MET MET A . n 
A 1 9  SER 9  6  6  SER SER A . n 
A 1 10 ALA 10 7  7  ALA ALA A . n 
A 1 11 SER 11 8  8  SER SER A . n 
A 1 12 PHE 12 9  9  PHE PHE A . n 
A 1 13 ALA 13 10 10 ALA ALA A . n 
A 1 14 PRO 14 11 11 PRO PRO A . n 
A 1 15 GLU 15 12 12 GLU GLU A . n 
A 1 16 CYS 16 13 13 CYS CYS A . n 
A 1 17 THR 17 14 14 THR THR A . n 
A 1 18 ASP 18 15 15 ASP ASP A . n 
A 1 19 LEU 19 16 16 LEU LEU A . n 
A 1 20 LYS 20 17 17 LYS LYS A . n 
A 1 21 THR 21 18 18 THR THR A . n 
A 1 22 LYS 22 19 19 LYS LYS A . n 
A 1 23 TYR 23 20 20 TYR TYR A . n 
A 1 24 ASP 24 21 21 ASP ASP A . n 
A 1 25 SER 25 22 22 SER SER A . n 
A 1 26 CYS 26 23 23 CYS CYS A . n 
A 1 27 PHE 27 24 24 PHE PHE A . n 
A 1 28 ASN 28 25 25 ASN ASN A . n 
A 1 29 GLU 29 26 26 GLU GLU A . n 
A 1 30 TRP 30 27 27 TRP TRP A . n 
A 1 31 TYR 31 28 28 TYR TYR A . n 
A 1 32 SER 32 29 29 SER SER A . n 
A 1 33 GLU 33 30 30 GLU GLU A . n 
A 1 34 LYS 34 31 31 LYS LYS A . n 
A 1 35 PHE 35 32 32 PHE PHE A . n 
A 1 36 LEU 36 33 33 LEU LEU A . n 
A 1 37 LYS 37 34 34 LYS LYS A . n 
A 1 38 GLY 38 35 35 GLY GLY A . n 
A 1 39 LYS 39 36 36 LYS LYS A . n 
A 1 40 SER 40 37 37 SER SER A . n 
A 1 41 VAL 41 38 38 VAL VAL A . n 
A 1 42 GLU 42 39 39 GLU GLU A . n 
A 1 43 ASN 43 40 40 ASN ASN A . n 
A 1 44 GLU 44 41 41 GLU GLU A . n 
A 1 45 CYS 45 42 42 CYS CYS A . n 
A 1 46 SER 46 43 43 SER SER A . n 
A 1 47 LYS 47 44 44 LYS LYS A . n 
A 1 48 GLN 48 45 45 GLN GLN A . n 
A 1 49 TRP 49 46 46 TRP TRP A . n 
A 1 50 TYR 50 47 47 TYR TYR A . n 
A 1 51 ALA 51 48 48 ALA ALA A . n 
A 1 52 TYR 52 49 49 TYR TYR A . n 
A 1 53 THR 53 50 50 THR THR A . n 
A 1 54 THR 54 51 51 THR THR A . n 
A 1 55 CYS 55 52 52 CYS CYS A . n 
A 1 56 VAL 56 53 53 VAL VAL A . n 
A 1 57 ASN 57 54 54 ASN ASN A . n 
A 1 58 ALA 58 55 55 ALA ALA A . n 
A 1 59 ALA 59 56 56 ALA ALA A . n 
A 1 60 LEU 60 57 57 LEU LEU A . n 
A 1 61 VAL 61 58 58 VAL VAL A . n 
A 1 62 LYS 62 59 59 LYS LYS A . n 
A 1 63 GLN 63 60 60 GLN GLN A . n 
A 1 64 GLY 64 61 61 GLY GLY A . n 
A 1 65 ILE 65 62 62 ILE ILE A . n 
A 1 66 LYS 66 63 63 LYS LYS A . n 
A 1 67 PRO 67 64 64 PRO PRO A . n 
A 1 68 ALA 68 65 65 ALA ALA A . n 
A 1 69 LEU 69 66 66 LEU LEU A . n 
A 1 70 ASP 70 67 ?  ?   ?   A . n 
A 1 71 GLU 71 68 ?  ?   ?   A . n 
A 1 72 ALA 72 69 ?  ?   ?   A . n 
A 1 73 ARG 73 70 ?  ?   ?   A . n 
A 1 74 GLU 74 71 ?  ?   ?   A . n 
A 1 75 GLU 75 72 ?  ?   ?   A . n 
A 1 76 ALA 76 73 ?  ?   ?   A . n 
A 1 77 PRO 77 74 ?  ?   ?   A . n 
A 1 78 PHE 78 75 ?  ?   ?   A . n 
A 1 79 GLU 79 76 ?  ?   ?   A . n 
A 1 80 ASN 80 77 ?  ?   ?   A . n 
A 1 81 GLY 81 78 ?  ?   ?   A . n 
A 1 82 GLY 82 79 ?  ?   ?   A . n 
A 1 83 LYS 83 80 ?  ?   ?   A . n 
A 1 84 LEU 84 81 ?  ?   ?   A . n 
# 
loop_
_pdbx_nonpoly_scheme.asym_id 
_pdbx_nonpoly_scheme.entity_id 
_pdbx_nonpoly_scheme.mon_id 
_pdbx_nonpoly_scheme.ndb_seq_num 
_pdbx_nonpoly_scheme.pdb_seq_num 
_pdbx_nonpoly_scheme.auth_seq_num 
_pdbx_nonpoly_scheme.pdb_mon_id 
_pdbx_nonpoly_scheme.auth_mon_id 
_pdbx_nonpoly_scheme.pdb_strand_id 
_pdbx_nonpoly_scheme.pdb_ins_code 
B 2 GOL 1  101 1  GOL GOL A . 
C 3 CO  1  102 1  CO  CO  A . 
D 4 HOH 1  201 57 HOH HOH A . 
D 4 HOH 2  202 65 HOH HOH A . 
D 4 HOH 3  203 19 HOH HOH A . 
D 4 HOH 4  204 39 HOH HOH A . 
D 4 HOH 5  205 61 HOH HOH A . 
D 4 HOH 6  206 66 HOH HOH A . 
D 4 HOH 7  207 52 HOH HOH A . 
D 4 HOH 8  208 62 HOH HOH A . 
D 4 HOH 9  209 26 HOH HOH A . 
D 4 HOH 10 210 15 HOH HOH A . 
D 4 HOH 11 211 14 HOH HOH A . 
D 4 HOH 12 212 34 HOH HOH A . 
D 4 HOH 13 213 46 HOH HOH A . 
D 4 HOH 14 214 9  HOH HOH A . 
D 4 HOH 15 215 1  HOH HOH A . 
D 4 HOH 16 216 55 HOH HOH A . 
D 4 HOH 17 217 32 HOH HOH A . 
D 4 HOH 18 218 28 HOH HOH A . 
D 4 HOH 19 219 30 HOH HOH A . 
D 4 HOH 20 220 45 HOH HOH A . 
D 4 HOH 21 221 7  HOH HOH A . 
D 4 HOH 22 222 6  HOH HOH A . 
D 4 HOH 23 223 16 HOH HOH A . 
D 4 HOH 24 224 18 HOH HOH A . 
D 4 HOH 25 225 8  HOH HOH A . 
D 4 HOH 26 226 2  HOH HOH A . 
D 4 HOH 27 227 56 HOH HOH A . 
D 4 HOH 28 228 3  HOH HOH A . 
D 4 HOH 29 229 71 HOH HOH A . 
D 4 HOH 30 230 23 HOH HOH A . 
D 4 HOH 31 231 5  HOH HOH A . 
D 4 HOH 32 232 11 HOH HOH A . 
D 4 HOH 33 233 4  HOH HOH A . 
D 4 HOH 34 234 29 HOH HOH A . 
D 4 HOH 35 235 37 HOH HOH A . 
D 4 HOH 36 236 10 HOH HOH A . 
D 4 HOH 37 237 33 HOH HOH A . 
D 4 HOH 38 238 20 HOH HOH A . 
D 4 HOH 39 239 12 HOH HOH A . 
D 4 HOH 40 240 22 HOH HOH A . 
D 4 HOH 41 241 24 HOH HOH A . 
D 4 HOH 42 242 31 HOH HOH A . 
D 4 HOH 43 243 72 HOH HOH A . 
D 4 HOH 44 244 69 HOH HOH A . 
D 4 HOH 45 245 70 HOH HOH A . 
D 4 HOH 46 246 13 HOH HOH A . 
D 4 HOH 47 247 21 HOH HOH A . 
D 4 HOH 48 248 68 HOH HOH A . 
D 4 HOH 49 249 17 HOH HOH A . 
D 4 HOH 50 250 60 HOH HOH A . 
D 4 HOH 51 251 53 HOH HOH A . 
D 4 HOH 52 252 36 HOH HOH A . 
D 4 HOH 53 253 67 HOH HOH A . 
D 4 HOH 54 254 25 HOH HOH A . 
D 4 HOH 55 255 49 HOH HOH A . 
D 4 HOH 56 256 38 HOH HOH A . 
D 4 HOH 57 257 58 HOH HOH A . 
D 4 HOH 58 258 35 HOH HOH A . 
D 4 HOH 59 259 27 HOH HOH A . 
D 4 HOH 60 260 63 HOH HOH A . 
D 4 HOH 61 261 54 HOH HOH A . 
D 4 HOH 62 262 59 HOH HOH A . 
D 4 HOH 63 263 48 HOH HOH A . 
D 4 HOH 64 264 40 HOH HOH A . 
D 4 HOH 65 265 51 HOH HOH A . 
D 4 HOH 66 266 50 HOH HOH A . 
D 4 HOH 67 267 41 HOH HOH A . 
D 4 HOH 68 268 64 HOH HOH A . 
D 4 HOH 69 269 44 HOH HOH A . 
D 4 HOH 70 270 43 HOH HOH A . 
D 4 HOH 71 271 42 HOH HOH A . 
D 4 HOH 72 272 47 HOH HOH A . 
# 
loop_
_software.citation_id 
_software.classification 
_software.compiler_name 
_software.compiler_version 
_software.contact_author 
_software.contact_author_email 
_software.date 
_software.description 
_software.dependencies 
_software.hardware 
_software.language 
_software.location 
_software.mods 
_software.name 
_software.os 
_software.os_version 
_software.type 
_software.version 
_software.pdbx_ordinal 
? refinement        ? ? ? ? ? ? ? ? ? ? ? CNS      ? ? ? 1.3 1 
? 'data collection' ? ? ? ? ? ? ? ? ? ? ? HKL-2000 ? ? ? .   2 
? 'model building'  ? ? ? ? ? ? ? ? ? ? ? PHENIX   ? ? ? .   3 
# 
_cell.angle_alpha                  90.00 
_cell.angle_alpha_esd              ? 
_cell.angle_beta                   90.00 
_cell.angle_beta_esd               ? 
_cell.angle_gamma                  120.00 
_cell.angle_gamma_esd              ? 
_cell.entry_id                     4YTV 
_cell.details                      ? 
_cell.formula_units_Z              ? 
_cell.length_a                     59.144 
_cell.length_a_esd                 ? 
_cell.length_b                     59.144 
_cell.length_b_esd                 ? 
_cell.length_c                     123.277 
_cell.length_c_esd                 ? 
_cell.volume                       ? 
_cell.volume_esd                   ? 
_cell.Z_PDB                        18 
_cell.reciprocal_angle_alpha       ? 
_cell.reciprocal_angle_beta        ? 
_cell.reciprocal_angle_gamma       ? 
_cell.reciprocal_angle_alpha_esd   ? 
_cell.reciprocal_angle_beta_esd    ? 
_cell.reciprocal_angle_gamma_esd   ? 
_cell.reciprocal_length_a          ? 
_cell.reciprocal_length_b          ? 
_cell.reciprocal_length_c          ? 
_cell.reciprocal_length_a_esd      ? 
_cell.reciprocal_length_b_esd      ? 
_cell.reciprocal_length_c_esd      ? 
_cell.pdbx_unique_axis             ? 
# 
_symmetry.entry_id                         4YTV 
_symmetry.cell_setting                     ? 
_symmetry.Int_Tables_number                155 
_symmetry.space_group_name_Hall            ? 
_symmetry.space_group_name_H-M             'H 3 2' 
_symmetry.pdbx_full_space_group_name_H-M   ? 
# 
_exptl.absorpt_coefficient_mu     ? 
_exptl.absorpt_correction_T_max   ? 
_exptl.absorpt_correction_T_min   ? 
_exptl.absorpt_correction_type    ? 
_exptl.absorpt_process_details    ? 
_exptl.entry_id                   4YTV 
_exptl.crystals_number            ? 
_exptl.details                    ? 
_exptl.method                     'X-RAY DIFFRACTION' 
_exptl.method_details             ? 
# 
_exptl_crystal.colour                      ? 
_exptl_crystal.density_diffrn              ? 
_exptl_crystal.density_Matthews            2.20 
_exptl_crystal.density_method              ? 
_exptl_crystal.density_percent_sol         44.19 
_exptl_crystal.description                 ? 
_exptl_crystal.F_000                       ? 
_exptl_crystal.id                          1 
_exptl_crystal.preparation                 ? 
_exptl_crystal.size_max                    ? 
_exptl_crystal.size_mid                    ? 
_exptl_crystal.size_min                    ? 
_exptl_crystal.size_rad                    ? 
_exptl_crystal.colour_lustre               ? 
_exptl_crystal.colour_modifier             ? 
_exptl_crystal.colour_primary              ? 
_exptl_crystal.density_meas                ? 
_exptl_crystal.density_meas_esd            ? 
_exptl_crystal.density_meas_gt             ? 
_exptl_crystal.density_meas_lt             ? 
_exptl_crystal.density_meas_temp           ? 
_exptl_crystal.density_meas_temp_esd       ? 
_exptl_crystal.density_meas_temp_gt        ? 
_exptl_crystal.density_meas_temp_lt        ? 
_exptl_crystal.pdbx_crystal_image_url      ? 
_exptl_crystal.pdbx_crystal_image_format   ? 
_exptl_crystal.pdbx_mosaicity              ? 
_exptl_crystal.pdbx_mosaicity_esd          ? 
# 
_exptl_crystal_grow.apparatus       ? 
_exptl_crystal_grow.atmosphere      ? 
_exptl_crystal_grow.crystal_id      1 
_exptl_crystal_grow.details         ? 
_exptl_crystal_grow.method          'VAPOR DIFFUSION, SITTING DROP' 
_exptl_crystal_grow.method_ref      ? 
_exptl_crystal_grow.pH              7.5 
_exptl_crystal_grow.pressure        ? 
_exptl_crystal_grow.pressure_esd    ? 
_exptl_crystal_grow.seeding         ? 
_exptl_crystal_grow.seeding_ref     ? 
_exptl_crystal_grow.temp            293 
_exptl_crystal_grow.temp_details    ? 
_exptl_crystal_grow.temp_esd        ? 
_exptl_crystal_grow.time            ? 
_exptl_crystal_grow.pdbx_details    '0.1 M MES pH 6.5, 1.2 M Ammonium sulfate, 10 mM Cobalt(II) chloride' 
_exptl_crystal_grow.pdbx_pH_range   ? 
# 
_diffrn.ambient_environment    ? 
_diffrn.ambient_temp           90 
_diffrn.ambient_temp_details   ? 
_diffrn.ambient_temp_esd       ? 
_diffrn.crystal_id             1 
_diffrn.crystal_support        ? 
_diffrn.crystal_treatment      ? 
_diffrn.details                ? 
_diffrn.id                     1 
_diffrn.ambient_pressure       ? 
_diffrn.ambient_pressure_esd   ? 
_diffrn.ambient_pressure_gt    ? 
_diffrn.ambient_pressure_lt    ? 
_diffrn.ambient_temp_gt        ? 
_diffrn.ambient_temp_lt        ? 
# 
_diffrn_detector.details                      ? 
_diffrn_detector.detector                     CCD 
_diffrn_detector.diffrn_id                    1 
_diffrn_detector.type                         'ADSC QUANTUM 315' 
_diffrn_detector.area_resol_mean              ? 
_diffrn_detector.dtime                        ? 
_diffrn_detector.pdbx_frames_total            ? 
_diffrn_detector.pdbx_collection_time_total   ? 
_diffrn_detector.pdbx_collection_date         2013-11-08 
# 
_diffrn_radiation.collimation                      ? 
_diffrn_radiation.diffrn_id                        1 
_diffrn_radiation.filter_edge                      ? 
_diffrn_radiation.inhomogeneity                    ? 
_diffrn_radiation.monochromator                    ? 
_diffrn_radiation.polarisn_norm                    ? 
_diffrn_radiation.polarisn_ratio                   ? 
_diffrn_radiation.probe                            ? 
_diffrn_radiation.type                             ? 
_diffrn_radiation.xray_symbol                      ? 
_diffrn_radiation.wavelength_id                    1 
_diffrn_radiation.pdbx_monochromatic_or_laue_m_l   M 
_diffrn_radiation.pdbx_wavelength_list             ? 
_diffrn_radiation.pdbx_wavelength                  ? 
_diffrn_radiation.pdbx_diffrn_protocol             MAD 
_diffrn_radiation.pdbx_analyzer                    ? 
_diffrn_radiation.pdbx_scattering_type             x-ray 
# 
loop_
_diffrn_radiation_wavelength.id 
_diffrn_radiation_wavelength.wavelength 
_diffrn_radiation_wavelength.wt 
1 1.0     1.0 
2 0.97919 1.0 
3 0.97932 1.0 
4 0.96426 1.0 
# 
_diffrn_source.current                     ? 
_diffrn_source.details                     ? 
_diffrn_source.diffrn_id                   1 
_diffrn_source.power                       ? 
_diffrn_source.size                        ? 
_diffrn_source.source                      SYNCHROTRON 
_diffrn_source.target                      ? 
_diffrn_source.type                        'SPRING-8 BEAMLINE BL38B1' 
_diffrn_source.voltage                     ? 
_diffrn_source.take-off_angle              ? 
_diffrn_source.pdbx_wavelength_list        '1.0, 0.97919, 0.97932, 0.96426' 
_diffrn_source.pdbx_wavelength             ? 
_diffrn_source.pdbx_synchrotron_beamline   BL38B1 
_diffrn_source.pdbx_synchrotron_site       SPring-8 
# 
_reflns.B_iso_Wilson_estimate            17.8 
_reflns.entry_id                         4YTV 
_reflns.data_reduction_details           ? 
_reflns.data_reduction_method            ? 
_reflns.d_resolution_high                1.45 
_reflns.d_resolution_low                 50 
_reflns.details                          ? 
_reflns.limit_h_max                      ? 
_reflns.limit_h_min                      ? 
_reflns.limit_k_max                      ? 
_reflns.limit_k_min                      ? 
_reflns.limit_l_max                      ? 
_reflns.limit_l_min                      ? 
_reflns.number_all                       ? 
_reflns.number_obs                       15031 
_reflns.observed_criterion               ? 
_reflns.observed_criterion_F_max         ? 
_reflns.observed_criterion_F_min         ? 
_reflns.observed_criterion_I_max         ? 
_reflns.observed_criterion_I_min         ? 
_reflns.observed_criterion_sigma_F       ? 
_reflns.observed_criterion_sigma_I       ? 
_reflns.percent_possible_obs             100 
_reflns.R_free_details                   ? 
_reflns.Rmerge_F_all                     ? 
_reflns.Rmerge_F_obs                     ? 
_reflns.Friedel_coverage                 ? 
_reflns.number_gt                        ? 
_reflns.threshold_expression             ? 
_reflns.pdbx_redundancy                  20.9 
_reflns.pdbx_Rmerge_I_obs                0.075 
_reflns.pdbx_Rmerge_I_all                ? 
_reflns.pdbx_Rsym_value                  ? 
_reflns.pdbx_netI_over_av_sigmaI         ? 
_reflns.pdbx_netI_over_sigmaI            68.5 
_reflns.pdbx_res_netI_over_av_sigmaI_2   ? 
_reflns.pdbx_res_netI_over_sigmaI_2      ? 
_reflns.pdbx_chi_squared                 ? 
_reflns.pdbx_scaling_rejects             ? 
_reflns.pdbx_d_res_high_opt              ? 
_reflns.pdbx_d_res_low_opt               ? 
_reflns.pdbx_d_res_opt_method            ? 
_reflns.phase_calculation_details        ? 
_reflns.pdbx_Rrim_I_all                  ? 
_reflns.pdbx_Rpim_I_all                  ? 
_reflns.pdbx_d_opt                       ? 
_reflns.pdbx_number_measured_all         ? 
_reflns.pdbx_diffrn_id                   1 
_reflns.pdbx_ordinal                     1 
_reflns.pdbx_CC_half                     ? 
_reflns.pdbx_R_split                     ? 
# 
_reflns_shell.d_res_high                  1.45 
_reflns_shell.d_res_low                   1.48 
_reflns_shell.meanI_over_sigI_all         ? 
_reflns_shell.meanI_over_sigI_obs         4.6 
_reflns_shell.number_measured_all         ? 
_reflns_shell.number_measured_obs         ? 
_reflns_shell.number_possible             ? 
_reflns_shell.number_unique_all           ? 
_reflns_shell.number_unique_obs           ? 
_reflns_shell.percent_possible_all        100 
_reflns_shell.percent_possible_obs        ? 
_reflns_shell.Rmerge_F_all                ? 
_reflns_shell.Rmerge_F_obs                ? 
_reflns_shell.Rmerge_I_all                ? 
_reflns_shell.Rmerge_I_obs                0.624 
_reflns_shell.meanI_over_sigI_gt          ? 
_reflns_shell.meanI_over_uI_all           ? 
_reflns_shell.meanI_over_uI_gt            ? 
_reflns_shell.number_measured_gt          ? 
_reflns_shell.number_unique_gt            ? 
_reflns_shell.percent_possible_gt         ? 
_reflns_shell.Rmerge_F_gt                 ? 
_reflns_shell.Rmerge_I_gt                 ? 
_reflns_shell.pdbx_redundancy             18 
_reflns_shell.pdbx_Rsym_value             ? 
_reflns_shell.pdbx_chi_squared            ? 
_reflns_shell.pdbx_netI_over_sigmaI_all   ? 
_reflns_shell.pdbx_netI_over_sigmaI_obs   ? 
_reflns_shell.pdbx_Rrim_I_all             ? 
_reflns_shell.pdbx_Rpim_I_all             ? 
_reflns_shell.pdbx_rejects                ? 
_reflns_shell.pdbx_ordinal                1 
_reflns_shell.pdbx_diffrn_id              1 
_reflns_shell.pdbx_CC_half                ? 
_reflns_shell.pdbx_R_split                ? 
# 
_refine.aniso_B[1][1]                            2.13 
_refine.aniso_B[1][2]                            0.00 
_refine.aniso_B[1][3]                            0.00 
_refine.aniso_B[2][2]                            2.13 
_refine.aniso_B[2][3]                            0.00 
_refine.aniso_B[3][3]                            -4.27 
_refine.B_iso_max                                ? 
_refine.B_iso_mean                               22.8 
_refine.B_iso_min                                ? 
_refine.correlation_coeff_Fo_to_Fc               ? 
_refine.correlation_coeff_Fo_to_Fc_free          ? 
_refine.details                                  'BULK SOLVENT MODEL USED' 
_refine.diff_density_max                         ? 
_refine.diff_density_max_esd                     ? 
_refine.diff_density_min                         ? 
_refine.diff_density_min_esd                     ? 
_refine.diff_density_rms                         ? 
_refine.diff_density_rms_esd                     ? 
_refine.entry_id                                 4YTV 
_refine.pdbx_refine_id                           'X-RAY DIFFRACTION' 
_refine.ls_abs_structure_details                 ? 
_refine.ls_abs_structure_Flack                   ? 
_refine.ls_abs_structure_Flack_esd               ? 
_refine.ls_abs_structure_Rogers                  ? 
_refine.ls_abs_structure_Rogers_esd              ? 
_refine.ls_d_res_high                            1.45 
_refine.ls_d_res_low                             29.57 
_refine.ls_extinction_coef                       ? 
_refine.ls_extinction_coef_esd                   ? 
_refine.ls_extinction_expression                 ? 
_refine.ls_extinction_method                     ? 
_refine.ls_goodness_of_fit_all                   ? 
_refine.ls_goodness_of_fit_all_esd               ? 
_refine.ls_goodness_of_fit_obs                   ? 
_refine.ls_goodness_of_fit_obs_esd               ? 
_refine.ls_hydrogen_treatment                    ? 
_refine.ls_matrix_type                           ? 
_refine.ls_number_constraints                    ? 
_refine.ls_number_parameters                     ? 
_refine.ls_number_reflns_all                     ? 
_refine.ls_number_reflns_obs                     14681 
_refine.ls_number_reflns_R_free                  1499 
_refine.ls_number_reflns_R_work                  ? 
_refine.ls_number_restraints                     ? 
_refine.ls_percent_reflns_obs                    97.5 
_refine.ls_percent_reflns_R_free                 10.2 
_refine.ls_R_factor_all                          ? 
_refine.ls_R_factor_obs                          0.197 
_refine.ls_R_factor_R_free                       0.211 
_refine.ls_R_factor_R_free_error                 0.005 
_refine.ls_R_factor_R_free_error_details         ? 
_refine.ls_R_factor_R_work                       0.197 
_refine.ls_R_Fsqd_factor_obs                     ? 
_refine.ls_R_I_factor_obs                        ? 
_refine.ls_redundancy_reflns_all                 ? 
_refine.ls_redundancy_reflns_obs                 ? 
_refine.ls_restrained_S_all                      ? 
_refine.ls_restrained_S_obs                      ? 
_refine.ls_shift_over_esd_max                    ? 
_refine.ls_shift_over_esd_mean                   ? 
_refine.ls_structure_factor_coef                 ? 
_refine.ls_weighting_details                     ? 
_refine.ls_weighting_scheme                      ? 
_refine.ls_wR_factor_all                         ? 
_refine.ls_wR_factor_obs                         ? 
_refine.ls_wR_factor_R_free                      ? 
_refine.ls_wR_factor_R_work                      ? 
_refine.occupancy_max                            ? 
_refine.occupancy_min                            ? 
_refine.solvent_model_details                    'FLAT MODEL' 
_refine.solvent_model_param_bsol                 46.5406 
_refine.solvent_model_param_ksol                 0.42 
_refine.ls_R_factor_gt                           ? 
_refine.ls_goodness_of_fit_gt                    ? 
_refine.ls_goodness_of_fit_ref                   ? 
_refine.ls_shift_over_su_max                     ? 
_refine.ls_shift_over_su_max_lt                  ? 
_refine.ls_shift_over_su_mean                    ? 
_refine.ls_shift_over_su_mean_lt                 ? 
_refine.pdbx_ls_sigma_I                          ? 
_refine.pdbx_ls_sigma_F                          0.0 
_refine.pdbx_ls_sigma_Fsqd                       ? 
_refine.pdbx_data_cutoff_high_absF               135559.94 
_refine.pdbx_data_cutoff_high_rms_absF           ? 
_refine.pdbx_data_cutoff_low_absF                0.000000 
_refine.pdbx_isotropic_thermal_model             RESTRAINED 
_refine.pdbx_ls_cross_valid_method               THROUGHOUT 
_refine.pdbx_method_to_determine_struct          MAD 
_refine.pdbx_starting_model                      ? 
_refine.pdbx_stereochemistry_target_values       ? 
_refine.pdbx_R_Free_selection_details            RANDOM 
_refine.pdbx_stereochem_target_val_spec_case     ? 
_refine.pdbx_overall_ESU_R                       ? 
_refine.pdbx_overall_ESU_R_Free                  ? 
_refine.pdbx_solvent_vdw_probe_radii             ? 
_refine.pdbx_solvent_ion_probe_radii             ? 
_refine.pdbx_solvent_shrinkage_radii             ? 
_refine.pdbx_real_space_R                        ? 
_refine.pdbx_density_correlation                 ? 
_refine.pdbx_pd_number_of_powder_patterns        ? 
_refine.pdbx_pd_number_of_points                 ? 
_refine.pdbx_pd_meas_number_of_points            ? 
_refine.pdbx_pd_proc_ls_prof_R_factor            ? 
_refine.pdbx_pd_proc_ls_prof_wR_factor           ? 
_refine.pdbx_pd_Marquardt_correlation_coeff      ? 
_refine.pdbx_pd_Fsqrd_R_factor                   ? 
_refine.pdbx_pd_ls_matrix_band_width             ? 
_refine.pdbx_overall_phase_error                 ? 
_refine.pdbx_overall_SU_R_free_Cruickshank_DPI   ? 
_refine.pdbx_overall_SU_R_free_Blow_DPI          ? 
_refine.pdbx_overall_SU_R_Blow_DPI               ? 
_refine.pdbx_TLS_residual_ADP_flag               ? 
_refine.pdbx_diffrn_id                           1 
_refine.overall_SU_B                             ? 
_refine.overall_SU_ML                            ? 
_refine.overall_SU_R_Cruickshank_DPI             ? 
_refine.overall_SU_R_free                        ? 
_refine.overall_FOM_free_R_set                   ? 
_refine.overall_FOM_work_R_set                   ? 
_refine.pdbx_average_fsc_overall                 ? 
_refine.pdbx_average_fsc_work                    ? 
_refine.pdbx_average_fsc_free                    ? 
# 
_refine_analyze.entry_id                        4YTV 
_refine_analyze.pdbx_refine_id                  'X-RAY DIFFRACTION' 
_refine_analyze.Luzzati_coordinate_error_free   0.17 
_refine_analyze.Luzzati_coordinate_error_obs    0.15 
_refine_analyze.Luzzati_d_res_low_free          ? 
_refine_analyze.Luzzati_d_res_low_obs           5.00 
_refine_analyze.Luzzati_sigma_a_free            0.05 
_refine_analyze.Luzzati_sigma_a_free_details    ? 
_refine_analyze.Luzzati_sigma_a_obs             0.04 
_refine_analyze.Luzzati_sigma_a_obs_details     ? 
_refine_analyze.number_disordered_residues      ? 
_refine_analyze.occupancy_sum_hydrogen          ? 
_refine_analyze.occupancy_sum_non_hydrogen      ? 
_refine_analyze.RG_d_res_high                   ? 
_refine_analyze.RG_d_res_low                    ? 
_refine_analyze.RG_free                         ? 
_refine_analyze.RG_work                         ? 
_refine_analyze.RG_free_work_ratio              ? 
_refine_analyze.pdbx_Luzzati_d_res_high_obs     ? 
# 
_refine_hist.pdbx_refine_id                   'X-RAY DIFFRACTION' 
_refine_hist.cycle_id                         1 
_refine_hist.pdbx_number_atoms_protein        542 
_refine_hist.pdbx_number_atoms_nucleic_acid   0 
_refine_hist.pdbx_number_atoms_ligand         7 
_refine_hist.number_atoms_solvent             72 
_refine_hist.number_atoms_total               621 
_refine_hist.d_res_high                       1.45 
_refine_hist.d_res_low                        29.57 
# 
loop_
_refine_ls_restr.pdbx_refine_id 
_refine_ls_restr.criterion 
_refine_ls_restr.dev_ideal 
_refine_ls_restr.dev_ideal_target 
_refine_ls_restr.number 
_refine_ls_restr.rejects 
_refine_ls_restr.type 
_refine_ls_restr.weight 
_refine_ls_restr.pdbx_restraint_function 
'X-RAY DIFFRACTION' ? 0.004 ?    ? ? c_bond_d                ? ? 
'X-RAY DIFFRACTION' ? ?     ?    ? ? c_bond_d_na             ? ? 
'X-RAY DIFFRACTION' ? ?     ?    ? ? c_bond_d_prot           ? ? 
'X-RAY DIFFRACTION' ? ?     ?    ? ? c_angle_d               ? ? 
'X-RAY DIFFRACTION' ? ?     ?    ? ? c_angle_d_na            ? ? 
'X-RAY DIFFRACTION' ? ?     ?    ? ? c_angle_d_prot          ? ? 
'X-RAY DIFFRACTION' ? 1.1   ?    ? ? c_angle_deg             ? ? 
'X-RAY DIFFRACTION' ? ?     ?    ? ? c_angle_deg_na          ? ? 
'X-RAY DIFFRACTION' ? ?     ?    ? ? c_angle_deg_prot        ? ? 
'X-RAY DIFFRACTION' ? 18.3  ?    ? ? c_dihedral_angle_d      ? ? 
'X-RAY DIFFRACTION' ? ?     ?    ? ? c_dihedral_angle_d_na   ? ? 
'X-RAY DIFFRACTION' ? ?     ?    ? ? c_dihedral_angle_d_prot ? ? 
'X-RAY DIFFRACTION' ? 0.70  ?    ? ? c_improper_angle_d      ? ? 
'X-RAY DIFFRACTION' ? ?     ?    ? ? c_improper_angle_d_na   ? ? 
'X-RAY DIFFRACTION' ? ?     ?    ? ? c_improper_angle_d_prot ? ? 
'X-RAY DIFFRACTION' ? 1.26  1.50 ? ? c_mcbond_it             ? ? 
'X-RAY DIFFRACTION' ? 2.12  2.00 ? ? c_mcangle_it            ? ? 
'X-RAY DIFFRACTION' ? 2.03  2.00 ? ? c_scbond_it             ? ? 
'X-RAY DIFFRACTION' ? 3.04  2.50 ? ? c_scangle_it            ? ? 
# 
_refine_ls_shell.pdbx_refine_id                   'X-RAY DIFFRACTION' 
_refine_ls_shell.d_res_high                       1.45 
_refine_ls_shell.d_res_low                        1.54 
_refine_ls_shell.number_reflns_all                ? 
_refine_ls_shell.number_reflns_obs                ? 
_refine_ls_shell.number_reflns_R_free             237 
_refine_ls_shell.number_reflns_R_work             2060 
_refine_ls_shell.percent_reflns_obs               93.6 
_refine_ls_shell.percent_reflns_R_free            10.3 
_refine_ls_shell.R_factor_all                     ? 
_refine_ls_shell.R_factor_obs                     ? 
_refine_ls_shell.R_factor_R_free                  0.205 
_refine_ls_shell.R_factor_R_free_error            0.013 
_refine_ls_shell.R_factor_R_work                  0.211 
_refine_ls_shell.redundancy_reflns_all            ? 
_refine_ls_shell.redundancy_reflns_obs            ? 
_refine_ls_shell.wR_factor_all                    ? 
_refine_ls_shell.wR_factor_obs                    ? 
_refine_ls_shell.wR_factor_R_free                 ? 
_refine_ls_shell.wR_factor_R_work                 ? 
_refine_ls_shell.pdbx_total_number_of_bins_used   6 
_refine_ls_shell.pdbx_phase_error                 ? 
_refine_ls_shell.pdbx_fsc_work                    ? 
_refine_ls_shell.pdbx_fsc_free                    ? 
# 
loop_
_pdbx_xplor_file.pdbx_refine_id 
_pdbx_xplor_file.serial_no 
_pdbx_xplor_file.param_file 
_pdbx_xplor_file.topol_file 
'X-RAY DIFFRACTION' 1 CNS_TOPPAR/protein_rep.param  CNS_TOPPAR/protein.top      
'X-RAY DIFFRACTION' 2 CNS_TOPPAR/dna-rna_rep.param  CNS_TOPPAR/dna-rna.top      
'X-RAY DIFFRACTION' 3 CNS_TOPPAR/water_rep.param    CNS_TOPPAR/water.top        
'X-RAY DIFFRACTION' 4 CNS_TOPPAR/ion.param          CNS_TOPPAR/ion.top          
'X-RAY DIFFRACTION' 5 CNS_TOPPAR/carbohydrate.param CNS_TOPPAR/carbohydrate.top 
'X-RAY DIFFRACTION' 6 CNS_TOPPAR/glycerol.param     CNS_TOPPAR/glycerol.top     
# 
_struct.entry_id                     4YTV 
_struct.title                        'Crystal structure of Mdm35' 
_struct.pdbx_model_details           ? 
_struct.pdbx_formula_weight          ? 
_struct.pdbx_formula_weight_method   ? 
_struct.pdbx_model_type_details      ? 
_struct.pdbx_CASP_flag               ? 
# 
_struct_keywords.entry_id        4YTV 
_struct_keywords.text            'Disulfide bond, Mitochondria, PROTEIN BINDING' 
_struct_keywords.pdbx_keywords   'PROTEIN BINDING' 
# 
loop_
_struct_asym.id 
_struct_asym.pdbx_blank_PDB_chainid_flag 
_struct_asym.pdbx_modified 
_struct_asym.entity_id 
_struct_asym.details 
A N N 1 ? 
B N N 2 ? 
C N N 3 ? 
D N N 4 ? 
# 
_struct_ref.id                         1 
_struct_ref.db_name                    UNP 
_struct_ref.db_code                    MDM35_YEAST 
_struct_ref.pdbx_db_accession          O60200 
_struct_ref.pdbx_db_isoform            ? 
_struct_ref.entity_id                  1 
_struct_ref.pdbx_seq_one_letter_code   
;MGNIMSASFAPECTDLKTKYDSCFNEWYSEKFLKGKSVENECSKQWYAYTTCVNAALVKQGIKPALDEAREEAPFENGGK
L
;
_struct_ref.pdbx_align_begin           1 
# 
_struct_ref_seq.align_id                      1 
_struct_ref_seq.ref_id                        1 
_struct_ref_seq.pdbx_PDB_id_code              4YTV 
_struct_ref_seq.pdbx_strand_id                A 
_struct_ref_seq.seq_align_beg                 4 
_struct_ref_seq.pdbx_seq_align_beg_ins_code   ? 
_struct_ref_seq.seq_align_end                 84 
_struct_ref_seq.pdbx_seq_align_end_ins_code   ? 
_struct_ref_seq.pdbx_db_accession             O60200 
_struct_ref_seq.db_align_beg                  1 
_struct_ref_seq.pdbx_db_align_beg_ins_code    ? 
_struct_ref_seq.db_align_end                  81 
_struct_ref_seq.pdbx_db_align_end_ins_code    ? 
_struct_ref_seq.pdbx_auth_seq_align_beg       1 
_struct_ref_seq.pdbx_auth_seq_align_end       81 
# 
loop_
_struct_ref_seq_dif.align_id 
_struct_ref_seq_dif.pdbx_pdb_id_code 
_struct_ref_seq_dif.mon_id 
_struct_ref_seq_dif.pdbx_pdb_strand_id 
_struct_ref_seq_dif.seq_num 
_struct_ref_seq_dif.pdbx_pdb_ins_code 
_struct_ref_seq_dif.pdbx_seq_db_name 
_struct_ref_seq_dif.pdbx_seq_db_accession_code 
_struct_ref_seq_dif.db_mon_id 
_struct_ref_seq_dif.pdbx_seq_db_seq_num 
_struct_ref_seq_dif.details 
_struct_ref_seq_dif.pdbx_auth_seq_num 
_struct_ref_seq_dif.pdbx_ordinal 
1 4YTV GLY A 1 ? UNP O60200 ? ? 'expression tag' -2 1 
1 4YTV PRO A 2 ? UNP O60200 ? ? 'expression tag' -1 2 
1 4YTV HIS A 3 ? UNP O60200 ? ? 'expression tag' 0  3 
# 
_pdbx_struct_assembly.id                   1 
_pdbx_struct_assembly.details              author_defined_assembly 
_pdbx_struct_assembly.method_details       ? 
_pdbx_struct_assembly.oligomeric_details   monomeric 
_pdbx_struct_assembly.oligomeric_count     1 
# 
_pdbx_struct_assembly_gen.assembly_id       1 
_pdbx_struct_assembly_gen.oper_expression   1 
_pdbx_struct_assembly_gen.asym_id_list      A,B,C,D 
# 
_pdbx_struct_oper_list.id                   1 
_pdbx_struct_oper_list.type                 'identity operation' 
_pdbx_struct_oper_list.name                 1_555 
_pdbx_struct_oper_list.symmetry_operation   x,y,z 
_pdbx_struct_oper_list.matrix[1][1]         1.0000000000 
_pdbx_struct_oper_list.matrix[1][2]         0.0000000000 
_pdbx_struct_oper_list.matrix[1][3]         0.0000000000 
_pdbx_struct_oper_list.vector[1]            0.0000000000 
_pdbx_struct_oper_list.matrix[2][1]         0.0000000000 
_pdbx_struct_oper_list.matrix[2][2]         1.0000000000 
_pdbx_struct_oper_list.matrix[2][3]         0.0000000000 
_pdbx_struct_oper_list.vector[2]            0.0000000000 
_pdbx_struct_oper_list.matrix[3][1]         0.0000000000 
_pdbx_struct_oper_list.matrix[3][2]         0.0000000000 
_pdbx_struct_oper_list.matrix[3][3]         1.0000000000 
_pdbx_struct_oper_list.vector[3]            0.0000000000 
# 
loop_
_struct_conf.conf_type_id 
_struct_conf.id 
_struct_conf.pdbx_PDB_helix_id 
_struct_conf.beg_label_comp_id 
_struct_conf.beg_label_asym_id 
_struct_conf.beg_label_seq_id 
_struct_conf.pdbx_beg_PDB_ins_code 
_struct_conf.end_label_comp_id 
_struct_conf.end_label_asym_id 
_struct_conf.end_label_seq_id 
_struct_conf.pdbx_end_PDB_ins_code 
_struct_conf.beg_auth_comp_id 
_struct_conf.beg_auth_asym_id 
_struct_conf.beg_auth_seq_id 
_struct_conf.end_auth_comp_id 
_struct_conf.end_auth_asym_id 
_struct_conf.end_auth_seq_id 
_struct_conf.pdbx_PDB_helix_class 
_struct_conf.details 
_struct_conf.pdbx_PDB_helix_length 
HELX_P HELX_P1 AA1 ASN A 6  ? ALA A 13 ? ASN A 3  ALA A 10 1 ? 8  
HELX_P HELX_P2 AA2 CYS A 16 ? LEU A 36 ? CYS A 13 LEU A 33 1 ? 21 
HELX_P HELX_P3 AA3 CYS A 45 ? GLN A 63 ? CYS A 42 GLN A 60 1 ? 19 
# 
_struct_conf_type.id          HELX_P 
_struct_conf_type.criteria    ? 
_struct_conf_type.reference   ? 
# 
loop_
_struct_conn.id 
_struct_conn.conn_type_id 
_struct_conn.pdbx_leaving_atom_flag 
_struct_conn.pdbx_PDB_id 
_struct_conn.ptnr1_label_asym_id 
_struct_conn.ptnr1_label_comp_id 
_struct_conn.ptnr1_label_seq_id 
_struct_conn.ptnr1_label_atom_id 
_struct_conn.pdbx_ptnr1_label_alt_id 
_struct_conn.pdbx_ptnr1_PDB_ins_code 
_struct_conn.pdbx_ptnr1_standard_comp_id 
_struct_conn.ptnr1_symmetry 
_struct_conn.ptnr2_label_asym_id 
_struct_conn.ptnr2_label_comp_id 
_struct_conn.ptnr2_label_seq_id 
_struct_conn.ptnr2_label_atom_id 
_struct_conn.pdbx_ptnr2_label_alt_id 
_struct_conn.pdbx_ptnr2_PDB_ins_code 
_struct_conn.ptnr1_auth_asym_id 
_struct_conn.ptnr1_auth_comp_id 
_struct_conn.ptnr1_auth_seq_id 
_struct_conn.ptnr2_auth_asym_id 
_struct_conn.ptnr2_auth_comp_id 
_struct_conn.ptnr2_auth_seq_id 
_struct_conn.ptnr2_symmetry 
_struct_conn.pdbx_ptnr3_label_atom_id 
_struct_conn.pdbx_ptnr3_label_seq_id 
_struct_conn.pdbx_ptnr3_label_comp_id 
_struct_conn.pdbx_ptnr3_label_asym_id 
_struct_conn.pdbx_ptnr3_label_alt_id 
_struct_conn.pdbx_ptnr3_PDB_ins_code 
_struct_conn.details 
_struct_conn.pdbx_dist_value 
_struct_conn.pdbx_value_order 
_struct_conn.pdbx_role 
disulf1 disulf ? ? A CYS 16 SG  ? ? ? 1_555 A CYS 55 SG ? ? A CYS 13 A CYS 52  1_555 ? ? ? ? ? ? ? 2.028 ? ? 
disulf2 disulf ? ? A CYS 26 SG  ? ? ? 1_555 A CYS 45 SG ? ? A CYS 23 A CYS 42  1_555 ? ? ? ? ? ? ? 2.031 ? ? 
metalc1 metalc ? ? A GLY 1  N   ? ? ? 1_555 C CO  .  CO ? ? A GLY -2 A CO  102 1_555 ? ? ? ? ? ? ? 2.464 ? ? 
metalc2 metalc ? ? A GLY 1  O   ? ? ? 1_555 C CO  .  CO ? ? A GLY -2 A CO  102 1_555 ? ? ? ? ? ? ? 2.266 ? ? 
metalc3 metalc ? ? A HIS 3  NE2 ? ? ? 1_555 C CO  .  CO ? ? A HIS 0  A CO  102 5_556 ? ? ? ? ? ? ? 2.510 ? ? 
# 
loop_
_struct_conn_type.id 
_struct_conn_type.criteria 
_struct_conn_type.reference 
disulf ? ? 
metalc ? ? 
# 
loop_
_pdbx_struct_conn_angle.id 
_pdbx_struct_conn_angle.ptnr1_label_atom_id 
_pdbx_struct_conn_angle.ptnr1_label_alt_id 
_pdbx_struct_conn_angle.ptnr1_label_asym_id 
_pdbx_struct_conn_angle.ptnr1_label_comp_id 
_pdbx_struct_conn_angle.ptnr1_label_seq_id 
_pdbx_struct_conn_angle.ptnr1_auth_atom_id 
_pdbx_struct_conn_angle.ptnr1_auth_asym_id 
_pdbx_struct_conn_angle.ptnr1_auth_comp_id 
_pdbx_struct_conn_angle.ptnr1_auth_seq_id 
_pdbx_struct_conn_angle.ptnr1_PDB_ins_code 
_pdbx_struct_conn_angle.ptnr1_symmetry 
_pdbx_struct_conn_angle.ptnr2_label_atom_id 
_pdbx_struct_conn_angle.ptnr2_label_alt_id 
_pdbx_struct_conn_angle.ptnr2_label_asym_id 
_pdbx_struct_conn_angle.ptnr2_label_comp_id 
_pdbx_struct_conn_angle.ptnr2_label_seq_id 
_pdbx_struct_conn_angle.ptnr2_auth_atom_id 
_pdbx_struct_conn_angle.ptnr2_auth_asym_id 
_pdbx_struct_conn_angle.ptnr2_auth_comp_id 
_pdbx_struct_conn_angle.ptnr2_auth_seq_id 
_pdbx_struct_conn_angle.ptnr2_PDB_ins_code 
_pdbx_struct_conn_angle.ptnr2_symmetry 
_pdbx_struct_conn_angle.ptnr3_label_atom_id 
_pdbx_struct_conn_angle.ptnr3_label_alt_id 
_pdbx_struct_conn_angle.ptnr3_label_asym_id 
_pdbx_struct_conn_angle.ptnr3_label_comp_id 
_pdbx_struct_conn_angle.ptnr3_label_seq_id 
_pdbx_struct_conn_angle.ptnr3_auth_atom_id 
_pdbx_struct_conn_angle.ptnr3_auth_asym_id 
_pdbx_struct_conn_angle.ptnr3_auth_comp_id 
_pdbx_struct_conn_angle.ptnr3_auth_seq_id 
_pdbx_struct_conn_angle.ptnr3_PDB_ins_code 
_pdbx_struct_conn_angle.ptnr3_symmetry 
_pdbx_struct_conn_angle.value 
_pdbx_struct_conn_angle.value_esd 
1 N ? A GLY 1 ? A GLY -2 ? 1_555 CO ? C CO . ? A CO 102 ? 1_555 O   ? A GLY 1 ? A GLY -2 ? 1_555 70.0  ? 
2 N ? A GLY 1 ? A GLY -2 ? 1_555 CO ? C CO . ? A CO 102 ? 1_555 NE2 ? A HIS 3 ? A HIS 0  ? 1_555 104.9 ? 
3 O ? A GLY 1 ? A GLY -2 ? 1_555 CO ? C CO . ? A CO 102 ? 1_555 NE2 ? A HIS 3 ? A HIS 0  ? 1_555 58.8  ? 
# 
loop_
_pdbx_modification_feature.ordinal 
_pdbx_modification_feature.label_comp_id 
_pdbx_modification_feature.label_asym_id 
_pdbx_modification_feature.label_seq_id 
_pdbx_modification_feature.label_alt_id 
_pdbx_modification_feature.modified_residue_label_comp_id 
_pdbx_modification_feature.modified_residue_label_asym_id 
_pdbx_modification_feature.modified_residue_label_seq_id 
_pdbx_modification_feature.modified_residue_label_alt_id 
_pdbx_modification_feature.auth_comp_id 
_pdbx_modification_feature.auth_asym_id 
_pdbx_modification_feature.auth_seq_id 
_pdbx_modification_feature.PDB_ins_code 
_pdbx_modification_feature.symmetry 
_pdbx_modification_feature.modified_residue_auth_comp_id 
_pdbx_modification_feature.modified_residue_auth_asym_id 
_pdbx_modification_feature.modified_residue_auth_seq_id 
_pdbx_modification_feature.modified_residue_PDB_ins_code 
_pdbx_modification_feature.modified_residue_symmetry 
_pdbx_modification_feature.comp_id_linking_atom 
_pdbx_modification_feature.modified_residue_id_linking_atom 
_pdbx_modification_feature.modified_residue_id 
_pdbx_modification_feature.ref_pcm_id 
_pdbx_modification_feature.ref_comp_id 
_pdbx_modification_feature.type 
_pdbx_modification_feature.category 
1 CYS A 16 ? CYS A 55 ? CYS A 13 ? 1_555 CYS A 52 ? 1_555 SG SG . . . None 'Disulfide bridge' 
2 CYS A 26 ? CYS A 45 ? CYS A 23 ? 1_555 CYS A 42 ? 1_555 SG SG . . . None 'Disulfide bridge' 
# 
loop_
_struct_site.id 
_struct_site.pdbx_evidence_code 
_struct_site.pdbx_auth_asym_id 
_struct_site.pdbx_auth_comp_id 
_struct_site.pdbx_auth_seq_id 
_struct_site.pdbx_auth_ins_code 
_struct_site.pdbx_num_residues 
_struct_site.details 
AC1 Software A GOL 101 ? 8 'binding site for residue GOL A 101' 
AC2 Software A CO  102 ? 3 'binding site for residue CO A 102'  
# 
loop_
_struct_site_gen.id 
_struct_site_gen.site_id 
_struct_site_gen.pdbx_num_res 
_struct_site_gen.label_comp_id 
_struct_site_gen.label_asym_id 
_struct_site_gen.label_seq_id 
_struct_site_gen.pdbx_auth_ins_code 
_struct_site_gen.auth_comp_id 
_struct_site_gen.auth_asym_id 
_struct_site_gen.auth_seq_id 
_struct_site_gen.label_atom_id 
_struct_site_gen.label_alt_id 
_struct_site_gen.symmetry 
_struct_site_gen.details 
1  AC1 8 GLY A 1  ? GLY A -2  . ? 4_556 ? 
2  AC1 8 ASN A 6  ? ASN A 3   . ? 2_555 ? 
3  AC1 8 ILE A 7  ? ILE A 4   . ? 2_555 ? 
4  AC1 8 MET A 8  ? MET A 5   . ? 2_555 ? 
5  AC1 8 LYS A 20 ? LYS A 17  . ? 1_555 ? 
6  AC1 8 TYR A 52 ? TYR A 49  . ? 1_555 ? 
7  AC1 8 HOH D .  ? HOH A 202 . ? 2_555 ? 
8  AC1 8 HOH D .  ? HOH A 203 . ? 6_556 ? 
9  AC2 3 GLY A 1  ? GLY A -2  . ? 1_555 ? 
10 AC2 3 HIS A 3  ? HIS A 0   . ? 5_556 ? 
11 AC2 3 HIS A 3  ? HIS A 0   . ? 4_556 ? 
# 
_pdbx_entry_details.entry_id                   4YTV 
_pdbx_entry_details.compound_details           ? 
_pdbx_entry_details.source_details             ? 
_pdbx_entry_details.nonpolymer_details         ? 
_pdbx_entry_details.sequence_details           ? 
_pdbx_entry_details.has_ligand_of_interest     ? 
_pdbx_entry_details.has_protein_modification   Y 
# 
_pdbx_struct_special_symmetry.id              1 
_pdbx_struct_special_symmetry.PDB_model_num   1 
_pdbx_struct_special_symmetry.auth_asym_id    A 
_pdbx_struct_special_symmetry.auth_comp_id    HOH 
_pdbx_struct_special_symmetry.auth_seq_id     201 
_pdbx_struct_special_symmetry.PDB_ins_code    ? 
_pdbx_struct_special_symmetry.label_asym_id   D 
_pdbx_struct_special_symmetry.label_comp_id   HOH 
_pdbx_struct_special_symmetry.label_seq_id    . 
# 
loop_
_pdbx_unobs_or_zero_occ_residues.id 
_pdbx_unobs_or_zero_occ_residues.PDB_model_num 
_pdbx_unobs_or_zero_occ_residues.polymer_flag 
_pdbx_unobs_or_zero_occ_residues.occupancy_flag 
_pdbx_unobs_or_zero_occ_residues.auth_asym_id 
_pdbx_unobs_or_zero_occ_residues.auth_comp_id 
_pdbx_unobs_or_zero_occ_residues.auth_seq_id 
_pdbx_unobs_or_zero_occ_residues.PDB_ins_code 
_pdbx_unobs_or_zero_occ_residues.label_asym_id 
_pdbx_unobs_or_zero_occ_residues.label_comp_id 
_pdbx_unobs_or_zero_occ_residues.label_seq_id 
1  1 Y 1 A ASP 67 ? A ASP 70 
2  1 Y 1 A GLU 68 ? A GLU 71 
3  1 Y 1 A ALA 69 ? A ALA 72 
4  1 Y 1 A ARG 70 ? A ARG 73 
5  1 Y 1 A GLU 71 ? A GLU 74 
6  1 Y 1 A GLU 72 ? A GLU 75 
7  1 Y 1 A ALA 73 ? A ALA 76 
8  1 Y 1 A PRO 74 ? A PRO 77 
9  1 Y 1 A PHE 75 ? A PHE 78 
10 1 Y 1 A GLU 76 ? A GLU 79 
11 1 Y 1 A ASN 77 ? A ASN 80 
12 1 Y 1 A GLY 78 ? A GLY 81 
13 1 Y 1 A GLY 79 ? A GLY 82 
14 1 Y 1 A LYS 80 ? A LYS 83 
15 1 Y 1 A LEU 81 ? A LEU 84 
# 
loop_
_chem_comp_atom.comp_id 
_chem_comp_atom.atom_id 
_chem_comp_atom.type_symbol 
_chem_comp_atom.pdbx_aromatic_flag 
_chem_comp_atom.pdbx_stereo_config 
_chem_comp_atom.pdbx_ordinal 
ALA N    N  N N 1   
ALA CA   C  N S 2   
ALA C    C  N N 3   
ALA O    O  N N 4   
ALA CB   C  N N 5   
ALA OXT  O  N N 6   
ALA H    H  N N 7   
ALA H2   H  N N 8   
ALA HA   H  N N 9   
ALA HB1  H  N N 10  
ALA HB2  H  N N 11  
ALA HB3  H  N N 12  
ALA HXT  H  N N 13  
ARG N    N  N N 14  
ARG CA   C  N S 15  
ARG C    C  N N 16  
ARG O    O  N N 17  
ARG CB   C  N N 18  
ARG CG   C  N N 19  
ARG CD   C  N N 20  
ARG NE   N  N N 21  
ARG CZ   C  N N 22  
ARG NH1  N  N N 23  
ARG NH2  N  N N 24  
ARG OXT  O  N N 25  
ARG H    H  N N 26  
ARG H2   H  N N 27  
ARG HA   H  N N 28  
ARG HB2  H  N N 29  
ARG HB3  H  N N 30  
ARG HG2  H  N N 31  
ARG HG3  H  N N 32  
ARG HD2  H  N N 33  
ARG HD3  H  N N 34  
ARG HE   H  N N 35  
ARG HH11 H  N N 36  
ARG HH12 H  N N 37  
ARG HH21 H  N N 38  
ARG HH22 H  N N 39  
ARG HXT  H  N N 40  
ASN N    N  N N 41  
ASN CA   C  N S 42  
ASN C    C  N N 43  
ASN O    O  N N 44  
ASN CB   C  N N 45  
ASN CG   C  N N 46  
ASN OD1  O  N N 47  
ASN ND2  N  N N 48  
ASN OXT  O  N N 49  
ASN H    H  N N 50  
ASN H2   H  N N 51  
ASN HA   H  N N 52  
ASN HB2  H  N N 53  
ASN HB3  H  N N 54  
ASN HD21 H  N N 55  
ASN HD22 H  N N 56  
ASN HXT  H  N N 57  
ASP N    N  N N 58  
ASP CA   C  N S 59  
ASP C    C  N N 60  
ASP O    O  N N 61  
ASP CB   C  N N 62  
ASP CG   C  N N 63  
ASP OD1  O  N N 64  
ASP OD2  O  N N 65  
ASP OXT  O  N N 66  
ASP H    H  N N 67  
ASP H2   H  N N 68  
ASP HA   H  N N 69  
ASP HB2  H  N N 70  
ASP HB3  H  N N 71  
ASP HD2  H  N N 72  
ASP HXT  H  N N 73  
CO  CO   CO N N 74  
CYS N    N  N N 75  
CYS CA   C  N R 76  
CYS C    C  N N 77  
CYS O    O  N N 78  
CYS CB   C  N N 79  
CYS SG   S  N N 80  
CYS OXT  O  N N 81  
CYS H    H  N N 82  
CYS H2   H  N N 83  
CYS HA   H  N N 84  
CYS HB2  H  N N 85  
CYS HB3  H  N N 86  
CYS HG   H  N N 87  
CYS HXT  H  N N 88  
GLN N    N  N N 89  
GLN CA   C  N S 90  
GLN C    C  N N 91  
GLN O    O  N N 92  
GLN CB   C  N N 93  
GLN CG   C  N N 94  
GLN CD   C  N N 95  
GLN OE1  O  N N 96  
GLN NE2  N  N N 97  
GLN OXT  O  N N 98  
GLN H    H  N N 99  
GLN H2   H  N N 100 
GLN HA   H  N N 101 
GLN HB2  H  N N 102 
GLN HB3  H  N N 103 
GLN HG2  H  N N 104 
GLN HG3  H  N N 105 
GLN HE21 H  N N 106 
GLN HE22 H  N N 107 
GLN HXT  H  N N 108 
GLU N    N  N N 109 
GLU CA   C  N S 110 
GLU C    C  N N 111 
GLU O    O  N N 112 
GLU CB   C  N N 113 
GLU CG   C  N N 114 
GLU CD   C  N N 115 
GLU OE1  O  N N 116 
GLU OE2  O  N N 117 
GLU OXT  O  N N 118 
GLU H    H  N N 119 
GLU H2   H  N N 120 
GLU HA   H  N N 121 
GLU HB2  H  N N 122 
GLU HB3  H  N N 123 
GLU HG2  H  N N 124 
GLU HG3  H  N N 125 
GLU HE2  H  N N 126 
GLU HXT  H  N N 127 
GLY N    N  N N 128 
GLY CA   C  N N 129 
GLY C    C  N N 130 
GLY O    O  N N 131 
GLY OXT  O  N N 132 
GLY H    H  N N 133 
GLY H2   H  N N 134 
GLY HA2  H  N N 135 
GLY HA3  H  N N 136 
GLY HXT  H  N N 137 
GOL C1   C  N N 138 
GOL O1   O  N N 139 
GOL C2   C  N N 140 
GOL O2   O  N N 141 
GOL C3   C  N N 142 
GOL O3   O  N N 143 
GOL H11  H  N N 144 
GOL H12  H  N N 145 
GOL HO1  H  N N 146 
GOL H2   H  N N 147 
GOL HO2  H  N N 148 
GOL H31  H  N N 149 
GOL H32  H  N N 150 
GOL HO3  H  N N 151 
HIS N    N  N N 152 
HIS CA   C  N S 153 
HIS C    C  N N 154 
HIS O    O  N N 155 
HIS CB   C  N N 156 
HIS CG   C  Y N 157 
HIS ND1  N  Y N 158 
HIS CD2  C  Y N 159 
HIS CE1  C  Y N 160 
HIS NE2  N  Y N 161 
HIS OXT  O  N N 162 
HIS H    H  N N 163 
HIS H2   H  N N 164 
HIS HA   H  N N 165 
HIS HB2  H  N N 166 
HIS HB3  H  N N 167 
HIS HD1  H  N N 168 
HIS HD2  H  N N 169 
HIS HE1  H  N N 170 
HIS HE2  H  N N 171 
HIS HXT  H  N N 172 
HOH O    O  N N 173 
HOH H1   H  N N 174 
HOH H2   H  N N 175 
ILE N    N  N N 176 
ILE CA   C  N S 177 
ILE C    C  N N 178 
ILE O    O  N N 179 
ILE CB   C  N S 180 
ILE CG1  C  N N 181 
ILE CG2  C  N N 182 
ILE CD1  C  N N 183 
ILE OXT  O  N N 184 
ILE H    H  N N 185 
ILE H2   H  N N 186 
ILE HA   H  N N 187 
ILE HB   H  N N 188 
ILE HG12 H  N N 189 
ILE HG13 H  N N 190 
ILE HG21 H  N N 191 
ILE HG22 H  N N 192 
ILE HG23 H  N N 193 
ILE HD11 H  N N 194 
ILE HD12 H  N N 195 
ILE HD13 H  N N 196 
ILE HXT  H  N N 197 
LEU N    N  N N 198 
LEU CA   C  N S 199 
LEU C    C  N N 200 
LEU O    O  N N 201 
LEU CB   C  N N 202 
LEU CG   C  N N 203 
LEU CD1  C  N N 204 
LEU CD2  C  N N 205 
LEU OXT  O  N N 206 
LEU H    H  N N 207 
LEU H2   H  N N 208 
LEU HA   H  N N 209 
LEU HB2  H  N N 210 
LEU HB3  H  N N 211 
LEU HG   H  N N 212 
LEU HD11 H  N N 213 
LEU HD12 H  N N 214 
LEU HD13 H  N N 215 
LEU HD21 H  N N 216 
LEU HD22 H  N N 217 
LEU HD23 H  N N 218 
LEU HXT  H  N N 219 
LYS N    N  N N 220 
LYS CA   C  N S 221 
LYS C    C  N N 222 
LYS O    O  N N 223 
LYS CB   C  N N 224 
LYS CG   C  N N 225 
LYS CD   C  N N 226 
LYS CE   C  N N 227 
LYS NZ   N  N N 228 
LYS OXT  O  N N 229 
LYS H    H  N N 230 
LYS H2   H  N N 231 
LYS HA   H  N N 232 
LYS HB2  H  N N 233 
LYS HB3  H  N N 234 
LYS HG2  H  N N 235 
LYS HG3  H  N N 236 
LYS HD2  H  N N 237 
LYS HD3  H  N N 238 
LYS HE2  H  N N 239 
LYS HE3  H  N N 240 
LYS HZ1  H  N N 241 
LYS HZ2  H  N N 242 
LYS HZ3  H  N N 243 
LYS HXT  H  N N 244 
MET N    N  N N 245 
MET CA   C  N S 246 
MET C    C  N N 247 
MET O    O  N N 248 
MET CB   C  N N 249 
MET CG   C  N N 250 
MET SD   S  N N 251 
MET CE   C  N N 252 
MET OXT  O  N N 253 
MET H    H  N N 254 
MET H2   H  N N 255 
MET HA   H  N N 256 
MET HB2  H  N N 257 
MET HB3  H  N N 258 
MET HG2  H  N N 259 
MET HG3  H  N N 260 
MET HE1  H  N N 261 
MET HE2  H  N N 262 
MET HE3  H  N N 263 
MET HXT  H  N N 264 
PHE N    N  N N 265 
PHE CA   C  N S 266 
PHE C    C  N N 267 
PHE O    O  N N 268 
PHE CB   C  N N 269 
PHE CG   C  Y N 270 
PHE CD1  C  Y N 271 
PHE CD2  C  Y N 272 
PHE CE1  C  Y N 273 
PHE CE2  C  Y N 274 
PHE CZ   C  Y N 275 
PHE OXT  O  N N 276 
PHE H    H  N N 277 
PHE H2   H  N N 278 
PHE HA   H  N N 279 
PHE HB2  H  N N 280 
PHE HB3  H  N N 281 
PHE HD1  H  N N 282 
PHE HD2  H  N N 283 
PHE HE1  H  N N 284 
PHE HE2  H  N N 285 
PHE HZ   H  N N 286 
PHE HXT  H  N N 287 
PRO N    N  N N 288 
PRO CA   C  N S 289 
PRO C    C  N N 290 
PRO O    O  N N 291 
PRO CB   C  N N 292 
PRO CG   C  N N 293 
PRO CD   C  N N 294 
PRO OXT  O  N N 295 
PRO H    H  N N 296 
PRO HA   H  N N 297 
PRO HB2  H  N N 298 
PRO HB3  H  N N 299 
PRO HG2  H  N N 300 
PRO HG3  H  N N 301 
PRO HD2  H  N N 302 
PRO HD3  H  N N 303 
PRO HXT  H  N N 304 
SER N    N  N N 305 
SER CA   C  N S 306 
SER C    C  N N 307 
SER O    O  N N 308 
SER CB   C  N N 309 
SER OG   O  N N 310 
SER OXT  O  N N 311 
SER H    H  N N 312 
SER H2   H  N N 313 
SER HA   H  N N 314 
SER HB2  H  N N 315 
SER HB3  H  N N 316 
SER HG   H  N N 317 
SER HXT  H  N N 318 
THR N    N  N N 319 
THR CA   C  N S 320 
THR C    C  N N 321 
THR O    O  N N 322 
THR CB   C  N R 323 
THR OG1  O  N N 324 
THR CG2  C  N N 325 
THR OXT  O  N N 326 
THR H    H  N N 327 
THR H2   H  N N 328 
THR HA   H  N N 329 
THR HB   H  N N 330 
THR HG1  H  N N 331 
THR HG21 H  N N 332 
THR HG22 H  N N 333 
THR HG23 H  N N 334 
THR HXT  H  N N 335 
TRP N    N  N N 336 
TRP CA   C  N S 337 
TRP C    C  N N 338 
TRP O    O  N N 339 
TRP CB   C  N N 340 
TRP CG   C  Y N 341 
TRP CD1  C  Y N 342 
TRP CD2  C  Y N 343 
TRP NE1  N  Y N 344 
TRP CE2  C  Y N 345 
TRP CE3  C  Y N 346 
TRP CZ2  C  Y N 347 
TRP CZ3  C  Y N 348 
TRP CH2  C  Y N 349 
TRP OXT  O  N N 350 
TRP H    H  N N 351 
TRP H2   H  N N 352 
TRP HA   H  N N 353 
TRP HB2  H  N N 354 
TRP HB3  H  N N 355 
TRP HD1  H  N N 356 
TRP HE1  H  N N 357 
TRP HE3  H  N N 358 
TRP HZ2  H  N N 359 
TRP HZ3  H  N N 360 
TRP HH2  H  N N 361 
TRP HXT  H  N N 362 
TYR N    N  N N 363 
TYR CA   C  N S 364 
TYR C    C  N N 365 
TYR O    O  N N 366 
TYR CB   C  N N 367 
TYR CG   C  Y N 368 
TYR CD1  C  Y N 369 
TYR CD2  C  Y N 370 
TYR CE1  C  Y N 371 
TYR CE2  C  Y N 372 
TYR CZ   C  Y N 373 
TYR OH   O  N N 374 
TYR OXT  O  N N 375 
TYR H    H  N N 376 
TYR H2   H  N N 377 
TYR HA   H  N N 378 
TYR HB2  H  N N 379 
TYR HB3  H  N N 380 
TYR HD1  H  N N 381 
TYR HD2  H  N N 382 
TYR HE1  H  N N 383 
TYR HE2  H  N N 384 
TYR HH   H  N N 385 
TYR HXT  H  N N 386 
VAL N    N  N N 387 
VAL CA   C  N S 388 
VAL C    C  N N 389 
VAL O    O  N N 390 
VAL CB   C  N N 391 
VAL CG1  C  N N 392 
VAL CG2  C  N N 393 
VAL OXT  O  N N 394 
VAL H    H  N N 395 
VAL H2   H  N N 396 
VAL HA   H  N N 397 
VAL HB   H  N N 398 
VAL HG11 H  N N 399 
VAL HG12 H  N N 400 
VAL HG13 H  N N 401 
VAL HG21 H  N N 402 
VAL HG22 H  N N 403 
VAL HG23 H  N N 404 
VAL HXT  H  N N 405 
# 
loop_
_chem_comp_bond.comp_id 
_chem_comp_bond.atom_id_1 
_chem_comp_bond.atom_id_2 
_chem_comp_bond.value_order 
_chem_comp_bond.pdbx_aromatic_flag 
_chem_comp_bond.pdbx_stereo_config 
_chem_comp_bond.pdbx_ordinal 
ALA N   CA   sing N N 1   
ALA N   H    sing N N 2   
ALA N   H2   sing N N 3   
ALA CA  C    sing N N 4   
ALA CA  CB   sing N N 5   
ALA CA  HA   sing N N 6   
ALA C   O    doub N N 7   
ALA C   OXT  sing N N 8   
ALA CB  HB1  sing N N 9   
ALA CB  HB2  sing N N 10  
ALA CB  HB3  sing N N 11  
ALA OXT HXT  sing N N 12  
ARG N   CA   sing N N 13  
ARG N   H    sing N N 14  
ARG N   H2   sing N N 15  
ARG CA  C    sing N N 16  
ARG CA  CB   sing N N 17  
ARG CA  HA   sing N N 18  
ARG C   O    doub N N 19  
ARG C   OXT  sing N N 20  
ARG CB  CG   sing N N 21  
ARG CB  HB2  sing N N 22  
ARG CB  HB3  sing N N 23  
ARG CG  CD   sing N N 24  
ARG CG  HG2  sing N N 25  
ARG CG  HG3  sing N N 26  
ARG CD  NE   sing N N 27  
ARG CD  HD2  sing N N 28  
ARG CD  HD3  sing N N 29  
ARG NE  CZ   sing N N 30  
ARG NE  HE   sing N N 31  
ARG CZ  NH1  sing N N 32  
ARG CZ  NH2  doub N N 33  
ARG NH1 HH11 sing N N 34  
ARG NH1 HH12 sing N N 35  
ARG NH2 HH21 sing N N 36  
ARG NH2 HH22 sing N N 37  
ARG OXT HXT  sing N N 38  
ASN N   CA   sing N N 39  
ASN N   H    sing N N 40  
ASN N   H2   sing N N 41  
ASN CA  C    sing N N 42  
ASN CA  CB   sing N N 43  
ASN CA  HA   sing N N 44  
ASN C   O    doub N N 45  
ASN C   OXT  sing N N 46  
ASN CB  CG   sing N N 47  
ASN CB  HB2  sing N N 48  
ASN CB  HB3  sing N N 49  
ASN CG  OD1  doub N N 50  
ASN CG  ND2  sing N N 51  
ASN ND2 HD21 sing N N 52  
ASN ND2 HD22 sing N N 53  
ASN OXT HXT  sing N N 54  
ASP N   CA   sing N N 55  
ASP N   H    sing N N 56  
ASP N   H2   sing N N 57  
ASP CA  C    sing N N 58  
ASP CA  CB   sing N N 59  
ASP CA  HA   sing N N 60  
ASP C   O    doub N N 61  
ASP C   OXT  sing N N 62  
ASP CB  CG   sing N N 63  
ASP CB  HB2  sing N N 64  
ASP CB  HB3  sing N N 65  
ASP CG  OD1  doub N N 66  
ASP CG  OD2  sing N N 67  
ASP OD2 HD2  sing N N 68  
ASP OXT HXT  sing N N 69  
CYS N   CA   sing N N 70  
CYS N   H    sing N N 71  
CYS N   H2   sing N N 72  
CYS CA  C    sing N N 73  
CYS CA  CB   sing N N 74  
CYS CA  HA   sing N N 75  
CYS C   O    doub N N 76  
CYS C   OXT  sing N N 77  
CYS CB  SG   sing N N 78  
CYS CB  HB2  sing N N 79  
CYS CB  HB3  sing N N 80  
CYS SG  HG   sing N N 81  
CYS OXT HXT  sing N N 82  
GLN N   CA   sing N N 83  
GLN N   H    sing N N 84  
GLN N   H2   sing N N 85  
GLN CA  C    sing N N 86  
GLN CA  CB   sing N N 87  
GLN CA  HA   sing N N 88  
GLN C   O    doub N N 89  
GLN C   OXT  sing N N 90  
GLN CB  CG   sing N N 91  
GLN CB  HB2  sing N N 92  
GLN CB  HB3  sing N N 93  
GLN CG  CD   sing N N 94  
GLN CG  HG2  sing N N 95  
GLN CG  HG3  sing N N 96  
GLN CD  OE1  doub N N 97  
GLN CD  NE2  sing N N 98  
GLN NE2 HE21 sing N N 99  
GLN NE2 HE22 sing N N 100 
GLN OXT HXT  sing N N 101 
GLU N   CA   sing N N 102 
GLU N   H    sing N N 103 
GLU N   H2   sing N N 104 
GLU CA  C    sing N N 105 
GLU CA  CB   sing N N 106 
GLU CA  HA   sing N N 107 
GLU C   O    doub N N 108 
GLU C   OXT  sing N N 109 
GLU CB  CG   sing N N 110 
GLU CB  HB2  sing N N 111 
GLU CB  HB3  sing N N 112 
GLU CG  CD   sing N N 113 
GLU CG  HG2  sing N N 114 
GLU CG  HG3  sing N N 115 
GLU CD  OE1  doub N N 116 
GLU CD  OE2  sing N N 117 
GLU OE2 HE2  sing N N 118 
GLU OXT HXT  sing N N 119 
GLY N   CA   sing N N 120 
GLY N   H    sing N N 121 
GLY N   H2   sing N N 122 
GLY CA  C    sing N N 123 
GLY CA  HA2  sing N N 124 
GLY CA  HA3  sing N N 125 
GLY C   O    doub N N 126 
GLY C   OXT  sing N N 127 
GLY OXT HXT  sing N N 128 
GOL C1  O1   sing N N 129 
GOL C1  C2   sing N N 130 
GOL C1  H11  sing N N 131 
GOL C1  H12  sing N N 132 
GOL O1  HO1  sing N N 133 
GOL C2  O2   sing N N 134 
GOL C2  C3   sing N N 135 
GOL C2  H2   sing N N 136 
GOL O2  HO2  sing N N 137 
GOL C3  O3   sing N N 138 
GOL C3  H31  sing N N 139 
GOL C3  H32  sing N N 140 
GOL O3  HO3  sing N N 141 
HIS N   CA   sing N N 142 
HIS N   H    sing N N 143 
HIS N   H2   sing N N 144 
HIS CA  C    sing N N 145 
HIS CA  CB   sing N N 146 
HIS CA  HA   sing N N 147 
HIS C   O    doub N N 148 
HIS C   OXT  sing N N 149 
HIS CB  CG   sing N N 150 
HIS CB  HB2  sing N N 151 
HIS CB  HB3  sing N N 152 
HIS CG  ND1  sing Y N 153 
HIS CG  CD2  doub Y N 154 
HIS ND1 CE1  doub Y N 155 
HIS ND1 HD1  sing N N 156 
HIS CD2 NE2  sing Y N 157 
HIS CD2 HD2  sing N N 158 
HIS CE1 NE2  sing Y N 159 
HIS CE1 HE1  sing N N 160 
HIS NE2 HE2  sing N N 161 
HIS OXT HXT  sing N N 162 
HOH O   H1   sing N N 163 
HOH O   H2   sing N N 164 
ILE N   CA   sing N N 165 
ILE N   H    sing N N 166 
ILE N   H2   sing N N 167 
ILE CA  C    sing N N 168 
ILE CA  CB   sing N N 169 
ILE CA  HA   sing N N 170 
ILE C   O    doub N N 171 
ILE C   OXT  sing N N 172 
ILE CB  CG1  sing N N 173 
ILE CB  CG2  sing N N 174 
ILE CB  HB   sing N N 175 
ILE CG1 CD1  sing N N 176 
ILE CG1 HG12 sing N N 177 
ILE CG1 HG13 sing N N 178 
ILE CG2 HG21 sing N N 179 
ILE CG2 HG22 sing N N 180 
ILE CG2 HG23 sing N N 181 
ILE CD1 HD11 sing N N 182 
ILE CD1 HD12 sing N N 183 
ILE CD1 HD13 sing N N 184 
ILE OXT HXT  sing N N 185 
LEU N   CA   sing N N 186 
LEU N   H    sing N N 187 
LEU N   H2   sing N N 188 
LEU CA  C    sing N N 189 
LEU CA  CB   sing N N 190 
LEU CA  HA   sing N N 191 
LEU C   O    doub N N 192 
LEU C   OXT  sing N N 193 
LEU CB  CG   sing N N 194 
LEU CB  HB2  sing N N 195 
LEU CB  HB3  sing N N 196 
LEU CG  CD1  sing N N 197 
LEU CG  CD2  sing N N 198 
LEU CG  HG   sing N N 199 
LEU CD1 HD11 sing N N 200 
LEU CD1 HD12 sing N N 201 
LEU CD1 HD13 sing N N 202 
LEU CD2 HD21 sing N N 203 
LEU CD2 HD22 sing N N 204 
LEU CD2 HD23 sing N N 205 
LEU OXT HXT  sing N N 206 
LYS N   CA   sing N N 207 
LYS N   H    sing N N 208 
LYS N   H2   sing N N 209 
LYS CA  C    sing N N 210 
LYS CA  CB   sing N N 211 
LYS CA  HA   sing N N 212 
LYS C   O    doub N N 213 
LYS C   OXT  sing N N 214 
LYS CB  CG   sing N N 215 
LYS CB  HB2  sing N N 216 
LYS CB  HB3  sing N N 217 
LYS CG  CD   sing N N 218 
LYS CG  HG2  sing N N 219 
LYS CG  HG3  sing N N 220 
LYS CD  CE   sing N N 221 
LYS CD  HD2  sing N N 222 
LYS CD  HD3  sing N N 223 
LYS CE  NZ   sing N N 224 
LYS CE  HE2  sing N N 225 
LYS CE  HE3  sing N N 226 
LYS NZ  HZ1  sing N N 227 
LYS NZ  HZ2  sing N N 228 
LYS NZ  HZ3  sing N N 229 
LYS OXT HXT  sing N N 230 
MET N   CA   sing N N 231 
MET N   H    sing N N 232 
MET N   H2   sing N N 233 
MET CA  C    sing N N 234 
MET CA  CB   sing N N 235 
MET CA  HA   sing N N 236 
MET C   O    doub N N 237 
MET C   OXT  sing N N 238 
MET CB  CG   sing N N 239 
MET CB  HB2  sing N N 240 
MET CB  HB3  sing N N 241 
MET CG  SD   sing N N 242 
MET CG  HG2  sing N N 243 
MET CG  HG3  sing N N 244 
MET SD  CE   sing N N 245 
MET CE  HE1  sing N N 246 
MET CE  HE2  sing N N 247 
MET CE  HE3  sing N N 248 
MET OXT HXT  sing N N 249 
PHE N   CA   sing N N 250 
PHE N   H    sing N N 251 
PHE N   H2   sing N N 252 
PHE CA  C    sing N N 253 
PHE CA  CB   sing N N 254 
PHE CA  HA   sing N N 255 
PHE C   O    doub N N 256 
PHE C   OXT  sing N N 257 
PHE CB  CG   sing N N 258 
PHE CB  HB2  sing N N 259 
PHE CB  HB3  sing N N 260 
PHE CG  CD1  doub Y N 261 
PHE CG  CD2  sing Y N 262 
PHE CD1 CE1  sing Y N 263 
PHE CD1 HD1  sing N N 264 
PHE CD2 CE2  doub Y N 265 
PHE CD2 HD2  sing N N 266 
PHE CE1 CZ   doub Y N 267 
PHE CE1 HE1  sing N N 268 
PHE CE2 CZ   sing Y N 269 
PHE CE2 HE2  sing N N 270 
PHE CZ  HZ   sing N N 271 
PHE OXT HXT  sing N N 272 
PRO N   CA   sing N N 273 
PRO N   CD   sing N N 274 
PRO N   H    sing N N 275 
PRO CA  C    sing N N 276 
PRO CA  CB   sing N N 277 
PRO CA  HA   sing N N 278 
PRO C   O    doub N N 279 
PRO C   OXT  sing N N 280 
PRO CB  CG   sing N N 281 
PRO CB  HB2  sing N N 282 
PRO CB  HB3  sing N N 283 
PRO CG  CD   sing N N 284 
PRO CG  HG2  sing N N 285 
PRO CG  HG3  sing N N 286 
PRO CD  HD2  sing N N 287 
PRO CD  HD3  sing N N 288 
PRO OXT HXT  sing N N 289 
SER N   CA   sing N N 290 
SER N   H    sing N N 291 
SER N   H2   sing N N 292 
SER CA  C    sing N N 293 
SER CA  CB   sing N N 294 
SER CA  HA   sing N N 295 
SER C   O    doub N N 296 
SER C   OXT  sing N N 297 
SER CB  OG   sing N N 298 
SER CB  HB2  sing N N 299 
SER CB  HB3  sing N N 300 
SER OG  HG   sing N N 301 
SER OXT HXT  sing N N 302 
THR N   CA   sing N N 303 
THR N   H    sing N N 304 
THR N   H2   sing N N 305 
THR CA  C    sing N N 306 
THR CA  CB   sing N N 307 
THR CA  HA   sing N N 308 
THR C   O    doub N N 309 
THR C   OXT  sing N N 310 
THR CB  OG1  sing N N 311 
THR CB  CG2  sing N N 312 
THR CB  HB   sing N N 313 
THR OG1 HG1  sing N N 314 
THR CG2 HG21 sing N N 315 
THR CG2 HG22 sing N N 316 
THR CG2 HG23 sing N N 317 
THR OXT HXT  sing N N 318 
TRP N   CA   sing N N 319 
TRP N   H    sing N N 320 
TRP N   H2   sing N N 321 
TRP CA  C    sing N N 322 
TRP CA  CB   sing N N 323 
TRP CA  HA   sing N N 324 
TRP C   O    doub N N 325 
TRP C   OXT  sing N N 326 
TRP CB  CG   sing N N 327 
TRP CB  HB2  sing N N 328 
TRP CB  HB3  sing N N 329 
TRP CG  CD1  doub Y N 330 
TRP CG  CD2  sing Y N 331 
TRP CD1 NE1  sing Y N 332 
TRP CD1 HD1  sing N N 333 
TRP CD2 CE2  doub Y N 334 
TRP CD2 CE3  sing Y N 335 
TRP NE1 CE2  sing Y N 336 
TRP NE1 HE1  sing N N 337 
TRP CE2 CZ2  sing Y N 338 
TRP CE3 CZ3  doub Y N 339 
TRP CE3 HE3  sing N N 340 
TRP CZ2 CH2  doub Y N 341 
TRP CZ2 HZ2  sing N N 342 
TRP CZ3 CH2  sing Y N 343 
TRP CZ3 HZ3  sing N N 344 
TRP CH2 HH2  sing N N 345 
TRP OXT HXT  sing N N 346 
TYR N   CA   sing N N 347 
TYR N   H    sing N N 348 
TYR N   H2   sing N N 349 
TYR CA  C    sing N N 350 
TYR CA  CB   sing N N 351 
TYR CA  HA   sing N N 352 
TYR C   O    doub N N 353 
TYR C   OXT  sing N N 354 
TYR CB  CG   sing N N 355 
TYR CB  HB2  sing N N 356 
TYR CB  HB3  sing N N 357 
TYR CG  CD1  doub Y N 358 
TYR CG  CD2  sing Y N 359 
TYR CD1 CE1  sing Y N 360 
TYR CD1 HD1  sing N N 361 
TYR CD2 CE2  doub Y N 362 
TYR CD2 HD2  sing N N 363 
TYR CE1 CZ   doub Y N 364 
TYR CE1 HE1  sing N N 365 
TYR CE2 CZ   sing Y N 366 
TYR CE2 HE2  sing N N 367 
TYR CZ  OH   sing N N 368 
TYR OH  HH   sing N N 369 
TYR OXT HXT  sing N N 370 
VAL N   CA   sing N N 371 
VAL N   H    sing N N 372 
VAL N   H2   sing N N 373 
VAL CA  C    sing N N 374 
VAL CA  CB   sing N N 375 
VAL CA  HA   sing N N 376 
VAL C   O    doub N N 377 
VAL C   OXT  sing N N 378 
VAL CB  CG1  sing N N 379 
VAL CB  CG2  sing N N 380 
VAL CB  HB   sing N N 381 
VAL CG1 HG11 sing N N 382 
VAL CG1 HG12 sing N N 383 
VAL CG1 HG13 sing N N 384 
VAL CG2 HG21 sing N N 385 
VAL CG2 HG22 sing N N 386 
VAL CG2 HG23 sing N N 387 
VAL OXT HXT  sing N N 388 
# 
_atom_sites.entry_id                    4YTV 
_atom_sites.fract_transf_matrix[1][1]   -0.00942542 
_atom_sites.fract_transf_matrix[1][2]   -0.00522844 
_atom_sites.fract_transf_matrix[1][3]   -0.01627888 
_atom_sites.fract_transf_matrix[2][1]   0.00364362 
_atom_sites.fract_transf_matrix[2][2]   0.00926680 
_atom_sites.fract_transf_matrix[2][3]   -0.01679396 
_atom_sites.fract_transf_matrix[3][1]   0.00586469 
_atom_sites.fract_transf_matrix[3][2]   -0.00534729 
_atom_sites.fract_transf_matrix[3][3]   -0.00167820 
_atom_sites.fract_transf_vector[1]      0.127403 
_atom_sites.fract_transf_vector[2]      0.227889 
_atom_sites.fract_transf_vector[3]      0.425511 
# 
loop_
_atom_type.symbol 
C  
CO 
N  
O  
S  
# 
loop_
_atom_site.group_PDB 
_atom_site.id 
_atom_site.type_symbol 
_atom_site.label_atom_id 
_atom_site.label_alt_id 
_atom_site.label_comp_id 
_atom_site.label_asym_id 
_atom_site.label_entity_id 
_atom_site.label_seq_id 
_atom_site.pdbx_PDB_ins_code 
_atom_site.Cartn_x 
_atom_site.Cartn_y 
_atom_site.Cartn_z 
_atom_site.occupancy 
_atom_site.B_iso_or_equiv 
_atom_site.pdbx_formal_charge 
_atom_site.auth_seq_id 
_atom_site.auth_comp_id 
_atom_site.auth_asym_id 
_atom_site.auth_atom_id 
_atom_site.pdbx_PDB_model_num 
ATOM   1   N  N   . GLY A 1 1  ? 6.863   -17.320 4.417   1.00 47.53 ? -2  GLY A N   1 
ATOM   2   C  CA  . GLY A 1 1  ? 5.997   -17.273 3.211   1.00 47.54 ? -2  GLY A CA  1 
ATOM   3   C  C   . GLY A 1 1  ? 5.260   -15.955 3.104   1.00 47.66 ? -2  GLY A C   1 
ATOM   4   O  O   . GLY A 1 1  ? 5.659   -14.980 3.739   1.00 47.39 ? -2  GLY A O   1 
ATOM   5   N  N   . PRO A 1 2  ? 4.177   -15.885 2.314   1.00 47.65 ? -1  PRO A N   1 
ATOM   6   C  CA  . PRO A 1 2  ? 3.393   -14.661 2.141   1.00 47.60 ? -1  PRO A CA  1 
ATOM   7   C  C   . PRO A 1 2  ? 2.645   -14.250 3.402   1.00 47.36 ? -1  PRO A C   1 
ATOM   8   O  O   . PRO A 1 2  ? 2.112   -15.094 4.124   1.00 47.19 ? -1  PRO A O   1 
ATOM   9   C  CB  . PRO A 1 2  ? 2.434   -15.026 1.012   1.00 47.73 ? -1  PRO A CB  1 
ATOM   10  C  CG  . PRO A 1 2  ? 2.184   -16.468 1.279   1.00 47.37 ? -1  PRO A CG  1 
ATOM   11  C  CD  . PRO A 1 2  ? 3.595   -16.968 1.506   1.00 47.64 ? -1  PRO A CD  1 
ATOM   12  N  N   . HIS A 1 3  ? 2.623   -12.947 3.671   1.00 47.41 ? 0   HIS A N   1 
ATOM   13  C  CA  . HIS A 1 3  ? 1.920   -12.425 4.838   1.00 47.23 ? 0   HIS A CA  1 
ATOM   14  C  C   . HIS A 1 3  ? 0.602   -11.772 4.411   1.00 46.57 ? 0   HIS A C   1 
ATOM   15  O  O   . HIS A 1 3  ? 0.594   -10.721 3.775   1.00 46.67 ? 0   HIS A O   1 
ATOM   16  C  CB  . HIS A 1 3  ? 2.792   -11.422 5.600   1.00 48.36 ? 0   HIS A CB  1 
ATOM   17  C  CG  . HIS A 1 3  ? 2.079   -10.767 6.745   1.00 49.18 ? 0   HIS A CG  1 
ATOM   18  N  ND1 . HIS A 1 3  ? 1.498   -9.525  6.643   1.00 49.56 ? 0   HIS A ND1 1 
ATOM   19  C  CD2 . HIS A 1 3  ? 1.793   -11.222 7.987   1.00 49.76 ? 0   HIS A CD2 1 
ATOM   20  C  CE1 . HIS A 1 3  ? 0.877   -9.239  7.777   1.00 49.83 ? 0   HIS A CE1 1 
ATOM   21  N  NE2 . HIS A 1 3  ? 1.042   -10.250 8.606   1.00 50.06 ? 0   HIS A NE2 1 
ATOM   22  N  N   . MET A 1 4  ? -0.506  -12.400 4.787   1.00 45.14 ? 1   MET A N   1 
ATOM   23  C  CA  . MET A 1 4  ? -1.842  -11.934 4.435   1.00 43.74 ? 1   MET A CA  1 
ATOM   24  C  C   . MET A 1 4  ? -2.188  -10.488 4.779   1.00 41.75 ? 1   MET A C   1 
ATOM   25  O  O   . MET A 1 4  ? -1.524  -9.845  5.593   1.00 41.95 ? 1   MET A O   1 
ATOM   26  C  CB  . MET A 1 4  ? -2.873  -12.874 5.064   1.00 45.03 ? 1   MET A CB  1 
ATOM   27  C  CG  . MET A 1 4  ? -2.922  -14.272 4.440   1.00 46.88 ? 1   MET A CG  1 
ATOM   28  S  SD  . MET A 1 4  ? -1.442  -14.737 3.526   1.00 49.43 ? 1   MET A SD  1 
ATOM   29  C  CE  . MET A 1 4  ? -1.835  -14.052 1.903   1.00 47.73 ? 1   MET A CE  1 
ATOM   30  N  N   . GLY A 1 5  ? -3.245  -9.993  4.142   1.00 39.08 ? 2   GLY A N   1 
ATOM   31  C  CA  . GLY A 1 5  ? -3.686  -8.634  4.378   1.00 34.96 ? 2   GLY A CA  1 
ATOM   32  C  C   . GLY A 1 5  ? -4.471  -8.520  5.669   1.00 31.84 ? 2   GLY A C   1 
ATOM   33  O  O   . GLY A 1 5  ? -4.898  -9.523  6.239   1.00 31.23 ? 2   GLY A O   1 
ATOM   34  N  N   . ASN A 1 6  ? -4.670  -7.287  6.119   1.00 29.30 ? 3   ASN A N   1 
ATOM   35  C  CA  . ASN A 1 6  ? -5.387  -6.997  7.353   1.00 26.57 ? 3   ASN A CA  1 
ATOM   36  C  C   . ASN A 1 6  ? -6.900  -6.989  7.115   1.00 22.69 ? 3   ASN A C   1 
ATOM   37  O  O   . ASN A 1 6  ? -7.402  -6.214  6.304   1.00 21.53 ? 3   ASN A O   1 
ATOM   38  C  CB  . ASN A 1 6  ? -4.926  -5.633  7.876   1.00 28.76 ? 3   ASN A CB  1 
ATOM   39  C  CG  . ASN A 1 6  ? -5.354  -5.375  9.299   1.00 31.68 ? 3   ASN A CG  1 
ATOM   40  O  OD1 . ASN A 1 6  ? -6.544  -5.321  9.605   1.00 32.96 ? 3   ASN A OD1 1 
ATOM   41  N  ND2 . ASN A 1 6  ? -4.378  -5.208  10.185  1.00 34.09 ? 3   ASN A ND2 1 
ATOM   42  N  N   . ILE A 1 7  ? -7.624  -7.851  7.823   1.00 19.21 ? 4   ILE A N   1 
ATOM   43  C  CA  . ILE A 1 7  ? -9.072  -7.917  7.664   1.00 17.68 ? 4   ILE A CA  1 
ATOM   44  C  C   . ILE A 1 7  ? -9.789  -6.676  8.187   1.00 16.15 ? 4   ILE A C   1 
ATOM   45  O  O   . ILE A 1 7  ? -10.737 -6.204  7.562   1.00 15.80 ? 4   ILE A O   1 
ATOM   46  C  CB  . ILE A 1 7  ? -9.653  -9.183  8.347   1.00 17.08 ? 4   ILE A CB  1 
ATOM   47  C  CG1 . ILE A 1 7  ? -9.355  -10.409 7.478   1.00 16.72 ? 4   ILE A CG1 1 
ATOM   48  C  CG2 . ILE A 1 7  ? -11.158 -9.033  8.563   1.00 17.14 ? 4   ILE A CG2 1 
ATOM   49  C  CD1 . ILE A 1 7  ? -9.759  -11.734 8.104   1.00 17.16 ? 4   ILE A CD1 1 
ATOM   50  N  N   . MET A 1 8  ? -9.349  -6.137  9.319   1.00 17.04 ? 5   MET A N   1 
ATOM   51  C  CA  . MET A 1 8  ? -10.007 -4.948  9.849   1.00 16.97 ? 5   MET A CA  1 
ATOM   52  C  C   . MET A 1 8  ? -9.837  -3.761  8.907   1.00 16.24 ? 5   MET A C   1 
ATOM   53  O  O   . MET A 1 8  ? -10.782 -3.014  8.665   1.00 15.68 ? 5   MET A O   1 
ATOM   54  C  CB  . MET A 1 8  ? -9.466  -4.577  11.231  1.00 19.21 ? 5   MET A CB  1 
ATOM   55  C  CG  . MET A 1 8  ? -10.226 -3.408  11.854  1.00 20.97 ? 5   MET A CG  1 
ATOM   56  S  SD  . MET A 1 8  ? -9.751  -3.049  13.543  1.00 23.83 ? 5   MET A SD  1 
ATOM   57  C  CE  . MET A 1 8  ? -10.565 -4.388  14.392  1.00 17.99 ? 5   MET A CE  1 
ATOM   58  N  N   . SER A 1 9  ? -8.631  -3.590  8.376   1.00 15.88 ? 6   SER A N   1 
ATOM   59  C  CA  . SER A 1 9  ? -8.361  -2.491  7.456   1.00 16.17 ? 6   SER A CA  1 
ATOM   60  C  C   . SER A 1 9  ? -9.191  -2.634  6.185   1.00 14.94 ? 6   SER A C   1 
ATOM   61  O  O   . SER A 1 9  ? -9.742  -1.654  5.684   1.00 14.76 ? 6   SER A O   1 
ATOM   62  C  CB  . SER A 1 9  ? -6.873  -2.448  7.104   1.00 18.46 ? 6   SER A CB  1 
ATOM   63  O  OG  . SER A 1 9  ? -6.090  -2.252  8.269   1.00 23.06 ? 6   SER A OG  1 
ATOM   64  N  N   . ALA A 1 10 ? -9.281  -3.859  5.671   1.00 14.58 ? 7   ALA A N   1 
ATOM   65  C  CA  . ALA A 1 10 ? -10.049 -4.127  4.460   1.00 13.35 ? 7   ALA A CA  1 
ATOM   66  C  C   . ALA A 1 10 ? -11.540 -3.913  4.706   1.00 13.99 ? 7   ALA A C   1 
ATOM   67  O  O   . ALA A 1 10 ? -12.273 -3.506  3.807   1.00 16.45 ? 7   ALA A O   1 
ATOM   68  C  CB  . ALA A 1 10 ? -9.796  -5.557  3.986   1.00 14.31 ? 7   ALA A CB  1 
ATOM   69  N  N   . SER A 1 11 ? -11.985 -4.193  5.929   1.00 14.06 ? 8   SER A N   1 
ATOM   70  C  CA  . SER A 1 11 ? -13.386 -4.019  6.287   1.00 14.80 ? 8   SER A CA  1 
ATOM   71  C  C   . SER A 1 11 ? -13.714 -2.540  6.438   1.00 14.26 ? 8   SER A C   1 
ATOM   72  O  O   . SER A 1 11 ? -14.818 -2.101  6.122   1.00 14.26 ? 8   SER A O   1 
ATOM   73  C  CB  . SER A 1 11 ? -13.694 -4.748  7.597   1.00 16.44 ? 8   SER A CB  1 
ATOM   74  O  OG  . SER A 1 11 ? -13.500 -6.145  7.456   1.00 19.26 ? 8   SER A OG  1 
ATOM   75  N  N   . PHE A 1 12 ? -12.745 -1.772  6.924   1.00 13.55 ? 9   PHE A N   1 
ATOM   76  C  CA  . PHE A 1 12 ? -12.943 -0.342  7.109   1.00 12.95 ? 9   PHE A CA  1 
ATOM   77  C  C   . PHE A 1 12 ? -12.898 0.417   5.785   1.00 12.23 ? 9   PHE A C   1 
ATOM   78  O  O   . PHE A 1 12 ? -13.677 1.345   5.569   1.00 13.00 ? 9   PHE A O   1 
ATOM   79  C  CB  . PHE A 1 12 ? -11.875 0.228   8.043   1.00 13.29 ? 9   PHE A CB  1 
ATOM   80  C  CG  . PHE A 1 12 ? -11.923 1.724   8.160   1.00 12.48 ? 9   PHE A CG  1 
ATOM   81  C  CD1 . PHE A 1 12 ? -12.975 2.346   8.822   1.00 13.25 ? 9   PHE A CD1 1 
ATOM   82  C  CD2 . PHE A 1 12 ? -10.947 2.514   7.559   1.00 12.48 ? 9   PHE A CD2 1 
ATOM   83  C  CE1 . PHE A 1 12 ? -13.060 3.732   8.880   1.00 14.30 ? 9   PHE A CE1 1 
ATOM   84  C  CE2 . PHE A 1 12 ? -11.024 3.901   7.611   1.00 12.68 ? 9   PHE A CE2 1 
ATOM   85  C  CZ  . PHE A 1 12 ? -12.081 4.512   8.271   1.00 13.05 ? 9   PHE A CZ  1 
ATOM   86  N  N   . ALA A 1 13 ? -11.986 0.019   4.905   1.00 12.66 ? 10  ALA A N   1 
ATOM   87  C  CA  . ALA A 1 13 ? -11.839 0.682   3.614   1.00 13.09 ? 10  ALA A CA  1 
ATOM   88  C  C   . ALA A 1 13 ? -11.732 -0.337  2.486   1.00 13.25 ? 10  ALA A C   1 
ATOM   89  O  O   . ALA A 1 13 ? -10.683 -0.471  1.852   1.00 13.04 ? 10  ALA A O   1 
ATOM   90  C  CB  . ALA A 1 13 ? -10.606 1.580   3.631   1.00 13.33 ? 10  ALA A CB  1 
ATOM   91  N  N   . PRO A 1 14 ? -12.826 -1.063  2.210   1.00 13.86 ? 11  PRO A N   1 
ATOM   92  C  CA  . PRO A 1 14 ? -12.818 -2.068  1.146   1.00 13.85 ? 11  PRO A CA  1 
ATOM   93  C  C   . PRO A 1 14 ? -12.466 -1.498  -0.226  1.00 13.76 ? 11  PRO A C   1 
ATOM   94  O  O   . PRO A 1 14 ? -11.923 -2.200  -1.076  1.00 14.77 ? 11  PRO A O   1 
ATOM   95  C  CB  . PRO A 1 14 ? -14.235 -2.644  1.203   1.00 14.88 ? 11  PRO A CB  1 
ATOM   96  C  CG  . PRO A 1 14 ? -15.049 -1.492  1.711   1.00 14.87 ? 11  PRO A CG  1 
ATOM   97  C  CD  . PRO A 1 14 ? -14.170 -0.931  2.802   1.00 15.14 ? 11  PRO A CD  1 
ATOM   98  N  N   . GLU A 1 15 ? -12.757 -0.218  -0.431  1.00 13.81 ? 12  GLU A N   1 
ATOM   99  C  CA  . GLU A 1 15 ? -12.462 0.417   -1.709  1.00 13.89 ? 12  GLU A CA  1 
ATOM   100 C  C   . GLU A 1 15 ? -10.962 0.583   -1.948  1.00 15.35 ? 12  GLU A C   1 
ATOM   101 O  O   . GLU A 1 15 ? -10.548 0.958   -3.045  1.00 16.83 ? 12  GLU A O   1 
ATOM   102 C  CB  . GLU A 1 15 ? -13.146 1.789   -1.797  1.00 14.52 ? 12  GLU A CB  1 
ATOM   103 C  CG  . GLU A 1 15 ? -12.570 2.865   -0.870  1.00 14.51 ? 12  GLU A CG  1 
ATOM   104 C  CD  . GLU A 1 15 ? -13.087 2.793   0.560   1.00 14.71 ? 12  GLU A CD  1 
ATOM   105 O  OE1 . GLU A 1 15 ? -13.779 1.817   0.916   1.00 15.89 ? 12  GLU A OE1 1 
ATOM   106 O  OE2 . GLU A 1 15 ? -12.792 3.726   1.336   1.00 15.08 ? 12  GLU A OE2 1 
ATOM   107 N  N   . CYS A 1 16 ? -10.150 0.295   -0.932  1.00 13.63 ? 13  CYS A N   1 
ATOM   108 C  CA  . CYS A 1 16 ? -8.698  0.434   -1.053  1.00 12.47 ? 13  CYS A CA  1 
ATOM   109 C  C   . CYS A 1 16 ? -7.964  -0.893  -1.173  1.00 12.52 ? 13  CYS A C   1 
ATOM   110 O  O   . CYS A 1 16 ? -6.749  -0.913  -1.355  1.00 13.13 ? 13  CYS A O   1 
ATOM   111 C  CB  . CYS A 1 16 ? -8.120  1.171   0.158   1.00 13.41 ? 13  CYS A CB  1 
ATOM   112 S  SG  . CYS A 1 16 ? -8.905  2.760   0.559   1.00 12.68 ? 13  CYS A SG  1 
ATOM   113 N  N   . THR A 1 17 ? -8.691  -1.998  -1.080  1.00 13.80 ? 14  THR A N   1 
ATOM   114 C  CA  . THR A 1 17 ? -8.057  -3.309  -1.133  1.00 13.40 ? 14  THR A CA  1 
ATOM   115 C  C   . THR A 1 17 ? -7.238  -3.618  -2.383  1.00 13.22 ? 14  THR A C   1 
ATOM   116 O  O   . THR A 1 17 ? -6.121  -4.124  -2.268  1.00 13.72 ? 14  THR A O   1 
ATOM   117 C  CB  . THR A 1 17 ? -9.096  -4.416  -0.891  1.00 13.79 ? 14  THR A CB  1 
ATOM   118 O  OG1 . THR A 1 17 ? -9.649  -4.245  0.419   1.00 15.88 ? 14  THR A OG1 1 
ATOM   119 C  CG2 . THR A 1 17 ? -8.454  -5.795  -0.983  1.00 16.59 ? 14  THR A CG2 1 
ATOM   120 N  N   . ASP A 1 18 ? -7.763  -3.326  -3.569  1.00 14.46 ? 15  ASP A N   1 
ATOM   121 C  CA  . ASP A 1 18 ? -6.992  -3.599  -4.779  1.00 15.10 ? 15  ASP A CA  1 
ATOM   122 C  C   . ASP A 1 18 ? -5.739  -2.729  -4.827  1.00 14.10 ? 15  ASP A C   1 
ATOM   123 O  O   . ASP A 1 18 ? -4.685  -3.174  -5.282  1.00 14.50 ? 15  ASP A O   1 
ATOM   124 C  CB  . ASP A 1 18 ? -7.838  -3.377  -6.038  1.00 17.04 ? 15  ASP A CB  1 
ATOM   125 C  CG  . ASP A 1 18 ? -8.852  -4.481  -6.262  1.00 20.17 ? 15  ASP A CG  1 
ATOM   126 O  OD1 . ASP A 1 18 ? -8.692  -5.569  -5.668  1.00 19.47 ? 15  ASP A OD1 1 
ATOM   127 O  OD2 . ASP A 1 18 ? -9.803  -4.271  -7.045  1.00 21.54 ? 15  ASP A OD2 1 
ATOM   128 N  N   . LEU A 1 19 ? -5.846  -1.492  -4.353  1.00 13.03 ? 16  LEU A N   1 
ATOM   129 C  CA  . LEU A 1 19 ? -4.688  -0.603  -4.342  1.00 13.18 ? 16  LEU A CA  1 
ATOM   130 C  C   . LEU A 1 19 ? -3.623  -1.147  -3.393  1.00 14.48 ? 16  LEU A C   1 
ATOM   131 O  O   . LEU A 1 19 ? -2.429  -1.039  -3.659  1.00 14.00 ? 16  LEU A O   1 
ATOM   132 C  CB  . LEU A 1 19 ? -5.101  0.809   -3.922  1.00 14.43 ? 16  LEU A CB  1 
ATOM   133 C  CG  . LEU A 1 19 ? -6.028  1.529   -4.904  1.00 14.46 ? 16  LEU A CG  1 
ATOM   134 C  CD1 . LEU A 1 19 ? -6.431  2.878   -4.333  1.00 14.52 ? 16  LEU A CD1 1 
ATOM   135 C  CD2 . LEU A 1 19 ? -5.324  1.703   -6.240  1.00 16.22 ? 16  LEU A CD2 1 
ATOM   136 N  N   . LYS A 1 20 ? -4.058  -1.736  -2.282  1.00 14.48 ? 17  LYS A N   1 
ATOM   137 C  CA  . LYS A 1 20 ? -3.118  -2.304  -1.329  1.00 15.09 ? 17  LYS A CA  1 
ATOM   138 C  C   . LYS A 1 20 ? -2.393  -3.485  -1.965  1.00 14.48 ? 17  LYS A C   1 
ATOM   139 O  O   . LYS A 1 20 ? -1.174  -3.609  -1.860  1.00 15.20 ? 17  LYS A O   1 
ATOM   140 C  CB  . LYS A 1 20 ? -3.843  -2.773  -0.067  1.00 15.97 ? 17  LYS A CB  1 
ATOM   141 C  CG  . LYS A 1 20 ? -2.933  -3.516  0.897   1.00 20.33 ? 17  LYS A CG  1 
ATOM   142 C  CD  . LYS A 1 20 ? -3.668  -3.963  2.147   1.00 23.55 ? 17  LYS A CD  1 
ATOM   143 C  CE  . LYS A 1 20 ? -2.843  -4.979  2.927   1.00 27.20 ? 17  LYS A CE  1 
ATOM   144 N  NZ  . LYS A 1 20 ? -1.452  -4.511  3.188   1.00 28.15 ? 17  LYS A NZ  1 
ATOM   145 N  N   . THR A 1 21 ? -3.151  -4.353  -2.628  1.00 15.34 ? 18  THR A N   1 
ATOM   146 C  CA  . THR A 1 21 ? -2.569  -5.521  -3.275  1.00 16.45 ? 18  THR A CA  1 
ATOM   147 C  C   . THR A 1 21 ? -1.520  -5.104  -4.306  1.00 16.04 ? 18  THR A C   1 
ATOM   148 O  O   . THR A 1 21 ? -0.447  -5.707  -4.389  1.00 18.15 ? 18  THR A O   1 
ATOM   149 C  CB  . THR A 1 21 ? -3.662  -6.370  -3.957  1.00 16.16 ? 18  THR A CB  1 
ATOM   150 O  OG1 . THR A 1 21 ? -4.650  -6.738  -2.987  1.00 18.82 ? 18  THR A OG1 1 
ATOM   151 C  CG2 . THR A 1 21 ? -3.066  -7.636  -4.549  1.00 18.11 ? 18  THR A CG2 1 
ATOM   152 N  N   . LYS A 1 22 ? -1.824  -4.069  -5.082  1.00 16.69 ? 19  LYS A N   1 
ATOM   153 C  CA  . LYS A 1 22 ? -0.892  -3.590  -6.095  1.00 16.98 ? 19  LYS A CA  1 
ATOM   154 C  C   . LYS A 1 22 ? 0.371   -3.000  -5.469  1.00 16.93 ? 19  LYS A C   1 
ATOM   155 O  O   . LYS A 1 22 ? 1.475   -3.185  -5.987  1.00 17.40 ? 19  LYS A O   1 
ATOM   156 C  CB  . LYS A 1 22 ? -1.566  -2.545  -6.986  1.00 19.06 ? 19  LYS A CB  1 
ATOM   157 C  CG  . LYS A 1 22 ? -2.638  -3.110  -7.902  1.00 21.40 ? 19  LYS A CG  1 
ATOM   158 C  CD  . LYS A 1 22 ? -3.260  -2.011  -8.751  1.00 25.86 ? 19  LYS A CD  1 
ATOM   159 C  CE  . LYS A 1 22 ? -4.298  -2.568  -9.710  1.00 28.65 ? 19  LYS A CE  1 
ATOM   160 N  NZ  . LYS A 1 22 ? -4.926  -1.491  -10.528 1.00 32.38 ? 19  LYS A NZ  1 
ATOM   161 N  N   . TYR A 1 23 ? 0.213   -2.286  -4.360  1.00 15.62 ? 20  TYR A N   1 
ATOM   162 C  CA  . TYR A 1 23 ? 1.364   -1.697  -3.688  1.00 15.28 ? 20  TYR A CA  1 
ATOM   163 C  C   . TYR A 1 23 ? 2.245   -2.783  -3.074  1.00 15.96 ? 20  TYR A C   1 
ATOM   164 O  O   . TYR A 1 23 ? 3.463   -2.779  -3.253  1.00 16.09 ? 20  TYR A O   1 
ATOM   165 C  CB  . TYR A 1 23 ? 0.912   -0.724  -2.596  1.00 14.99 ? 20  TYR A CB  1 
ATOM   166 C  CG  . TYR A 1 23 ? 2.042   -0.270  -1.701  1.00 14.46 ? 20  TYR A CG  1 
ATOM   167 C  CD1 . TYR A 1 23 ? 3.145   0.403   -2.226  1.00 15.55 ? 20  TYR A CD1 1 
ATOM   168 C  CD2 . TYR A 1 23 ? 2.029   -0.553  -0.334  1.00 16.52 ? 20  TYR A CD2 1 
ATOM   169 C  CE1 . TYR A 1 23 ? 4.209   0.779   -1.417  1.00 15.53 ? 20  TYR A CE1 1 
ATOM   170 C  CE2 . TYR A 1 23 ? 3.092   -0.178  0.485   1.00 15.83 ? 20  TYR A CE2 1 
ATOM   171 C  CZ  . TYR A 1 23 ? 4.178   0.486   -0.063  1.00 16.09 ? 20  TYR A CZ  1 
ATOM   172 O  OH  . TYR A 1 23 ? 5.235   0.852   0.738   1.00 18.24 ? 20  TYR A OH  1 
ATOM   173 N  N   . ASP A 1 24 ? 1.629   -3.716  -2.356  1.00 17.15 ? 21  ASP A N   1 
ATOM   174 C  CA  . ASP A 1 24 ? 2.390   -4.792  -1.731  1.00 18.52 ? 21  ASP A CA  1 
ATOM   175 C  C   . ASP A 1 24 ? 3.167   -5.600  -2.769  1.00 18.43 ? 21  ASP A C   1 
ATOM   176 O  O   . ASP A 1 24 ? 4.334   -5.931  -2.559  1.00 18.72 ? 21  ASP A O   1 
ATOM   177 C  CB  . ASP A 1 24 ? 1.467   -5.717  -0.931  1.00 21.22 ? 21  ASP A CB  1 
ATOM   178 C  CG  . ASP A 1 24 ? 0.881   -5.041  0.300   1.00 23.72 ? 21  ASP A CG  1 
ATOM   179 O  OD1 . ASP A 1 24 ? 1.436   -4.012  0.744   1.00 24.00 ? 21  ASP A OD1 1 
ATOM   180 O  OD2 . ASP A 1 24 ? -0.130  -5.547  0.834   1.00 26.74 ? 21  ASP A OD2 1 
ATOM   181 N  N   . SER A 1 25 ? 2.530   -5.912  -3.891  1.00 17.48 ? 22  SER A N   1 
ATOM   182 C  CA  . SER A 1 25 ? 3.201   -6.674  -4.938  1.00 19.41 ? 22  SER A CA  1 
ATOM   183 C  C   . SER A 1 25 ? 4.362   -5.882  -5.524  1.00 18.45 ? 22  SER A C   1 
ATOM   184 O  O   . SER A 1 25 ? 5.444   -6.424  -5.748  1.00 18.98 ? 22  SER A O   1 
ATOM   185 C  CB  . SER A 1 25 ? 2.214   -7.054  -6.042  1.00 21.99 ? 22  SER A CB  1 
ATOM   186 O  OG  . SER A 1 25 ? 1.288   -8.023  -5.577  1.00 28.73 ? 22  SER A OG  1 
ATOM   187 N  N   . CYS A 1 26 ? 4.141   -4.596  -5.770  1.00 18.22 ? 23  CYS A N   1 
ATOM   188 C  CA  . CYS A 1 26 ? 5.193   -3.754  -6.318  1.00 16.42 ? 23  CYS A CA  1 
ATOM   189 C  C   . CYS A 1 26 ? 6.390   -3.726  -5.373  1.00 16.31 ? 23  CYS A C   1 
ATOM   190 O  O   . CYS A 1 26 ? 7.530   -3.932  -5.793  1.00 16.29 ? 23  CYS A O   1 
ATOM   191 C  CB  . CYS A 1 26 ? 4.690   -2.321  -6.521  1.00 16.81 ? 23  CYS A CB  1 
ATOM   192 S  SG  . CYS A 1 26 ? 5.931   -1.221  -7.278  1.00 17.91 ? 23  CYS A SG  1 
ATOM   193 N  N   . PHE A 1 27 ? 6.126   -3.474  -4.095  1.00 16.12 ? 24  PHE A N   1 
ATOM   194 C  CA  . PHE A 1 27 ? 7.195   -3.395  -3.109  1.00 15.32 ? 24  PHE A CA  1 
ATOM   195 C  C   . PHE A 1 27 ? 7.970   -4.700  -2.979  1.00 16.09 ? 24  PHE A C   1 
ATOM   196 O  O   . PHE A 1 27 ? 9.196   -4.688  -2.881  1.00 15.75 ? 24  PHE A O   1 
ATOM   197 C  CB  . PHE A 1 27 ? 6.633   -2.971  -1.749  1.00 16.80 ? 24  PHE A CB  1 
ATOM   198 C  CG  . PHE A 1 27 ? 7.683   -2.487  -0.791  1.00 19.70 ? 24  PHE A CG  1 
ATOM   199 C  CD1 . PHE A 1 27 ? 8.382   -3.384  0.009   1.00 21.57 ? 24  PHE A CD1 1 
ATOM   200 C  CD2 . PHE A 1 27 ? 8.003   -1.135  -0.722  1.00 21.08 ? 24  PHE A CD2 1 
ATOM   201 C  CE1 . PHE A 1 27 ? 9.388   -2.943  0.864   1.00 22.87 ? 24  PHE A CE1 1 
ATOM   202 C  CE2 . PHE A 1 27 ? 9.009   -0.683  0.130   1.00 21.97 ? 24  PHE A CE2 1 
ATOM   203 C  CZ  . PHE A 1 27 ? 9.701   -1.589  0.925   1.00 22.90 ? 24  PHE A CZ  1 
ATOM   204 N  N   . ASN A 1 28 ? 7.260   -5.822  -2.981  1.00 15.96 ? 25  ASN A N   1 
ATOM   205 C  CA  . ASN A 1 28 ? 7.913   -7.120  -2.873  1.00 17.81 ? 25  ASN A CA  1 
ATOM   206 C  C   . ASN A 1 28 ? 8.817   -7.355  -4.085  1.00 17.07 ? 25  ASN A C   1 
ATOM   207 O  O   . ASN A 1 28 ? 9.924   -7.876  -3.949  1.00 16.56 ? 25  ASN A O   1 
ATOM   208 C  CB  . ASN A 1 28 ? 6.866   -8.231  -2.776  1.00 21.13 ? 25  ASN A CB  1 
ATOM   209 C  CG  . ASN A 1 28 ? 7.481   -9.588  -2.488  1.00 26.13 ? 25  ASN A CG  1 
ATOM   210 O  OD1 . ASN A 1 28 ? 8.178   -9.766  -1.488  1.00 28.89 ? 25  ASN A OD1 1 
ATOM   211 N  ND2 . ASN A 1 28 ? 7.223   -10.553 -3.363  1.00 27.91 ? 25  ASN A ND2 1 
ATOM   212 N  N   . GLU A 1 29 ? 8.347   -6.970  -5.269  1.00 15.65 ? 26  GLU A N   1 
ATOM   213 C  CA  . GLU A 1 29 ? 9.139   -7.139  -6.485  1.00 16.46 ? 26  GLU A CA  1 
ATOM   214 C  C   . GLU A 1 29 ? 10.389  -6.273  -6.419  1.00 15.05 ? 26  GLU A C   1 
ATOM   215 O  O   . GLU A 1 29 ? 11.485  -6.717  -6.762  1.00 16.04 ? 26  GLU A O   1 
ATOM   216 C  CB  . GLU A 1 29 ? 8.320   -6.763  -7.723  1.00 19.43 ? 26  GLU A CB  1 
ATOM   217 C  CG  . GLU A 1 29 ? 7.236   -7.763  -8.080  1.00 25.88 ? 26  GLU A CG  1 
ATOM   218 C  CD  . GLU A 1 29 ? 6.481   -7.374  -9.337  1.00 30.45 ? 26  GLU A CD  1 
ATOM   219 O  OE1 . GLU A 1 29 ? 7.138   -7.113  -10.366 1.00 33.45 ? 26  GLU A OE1 1 
ATOM   220 O  OE2 . GLU A 1 29 ? 5.233   -7.335  -9.295  1.00 32.90 ? 26  GLU A OE2 1 
ATOM   221 N  N   . TRP A 1 30 ? 10.217  -5.031  -5.977  1.00 14.80 ? 27  TRP A N   1 
ATOM   222 C  CA  . TRP A 1 30 ? 11.334  -4.106  -5.855  1.00 15.26 ? 27  TRP A CA  1 
ATOM   223 C  C   . TRP A 1 30 ? 12.356  -4.626  -4.845  1.00 14.62 ? 27  TRP A C   1 
ATOM   224 O  O   . TRP A 1 30 ? 13.557  -4.643  -5.113  1.00 16.29 ? 27  TRP A O   1 
ATOM   225 C  CB  . TRP A 1 30 ? 10.837  -2.729  -5.407  1.00 17.33 ? 27  TRP A CB  1 
ATOM   226 C  CG  . TRP A 1 30 ? 11.949  -1.805  -5.034  1.00 19.37 ? 27  TRP A CG  1 
ATOM   227 C  CD1 . TRP A 1 30 ? 12.793  -1.151  -5.886  1.00 20.94 ? 27  TRP A CD1 1 
ATOM   228 C  CD2 . TRP A 1 30 ? 12.381  -1.478  -3.709  1.00 20.08 ? 27  TRP A CD2 1 
ATOM   229 N  NE1 . TRP A 1 30 ? 13.728  -0.437  -5.171  1.00 22.77 ? 27  TRP A NE1 1 
ATOM   230 C  CE2 . TRP A 1 30 ? 13.497  -0.620  -3.833  1.00 21.23 ? 27  TRP A CE2 1 
ATOM   231 C  CE3 . TRP A 1 30 ? 11.935  -1.828  -2.427  1.00 19.78 ? 27  TRP A CE3 1 
ATOM   232 C  CZ2 . TRP A 1 30 ? 14.176  -0.105  -2.721  1.00 22.02 ? 27  TRP A CZ2 1 
ATOM   233 C  CZ3 . TRP A 1 30 ? 12.610  -1.314  -1.321  1.00 21.87 ? 27  TRP A CZ3 1 
ATOM   234 C  CH2 . TRP A 1 30 ? 13.720  -0.462  -1.480  1.00 21.45 ? 27  TRP A CH2 1 
ATOM   235 N  N   . TYR A 1 31 ? 11.873  -5.051  -3.685  1.00 15.64 ? 28  TYR A N   1 
ATOM   236 C  CA  . TYR A 1 31 ? 12.759  -5.558  -2.646  1.00 15.07 ? 28  TYR A CA  1 
ATOM   237 C  C   . TYR A 1 31 ? 13.536  -6.773  -3.133  1.00 15.58 ? 28  TYR A C   1 
ATOM   238 O  O   . TYR A 1 31 ? 14.723  -6.918  -2.840  1.00 15.77 ? 28  TYR A O   1 
ATOM   239 C  CB  . TYR A 1 31 ? 11.955  -5.912  -1.394  1.00 16.84 ? 28  TYR A CB  1 
ATOM   240 C  CG  . TYR A 1 31 ? 12.812  -6.345  -0.229  1.00 17.82 ? 28  TYR A CG  1 
ATOM   241 C  CD1 . TYR A 1 31 ? 13.206  -7.674  -0.083  1.00 18.18 ? 28  TYR A CD1 1 
ATOM   242 C  CD2 . TYR A 1 31 ? 13.256  -5.417  0.711   1.00 17.35 ? 28  TYR A CD2 1 
ATOM   243 C  CE1 . TYR A 1 31 ? 14.023  -8.069  0.972   1.00 19.58 ? 28  TYR A CE1 1 
ATOM   244 C  CE2 . TYR A 1 31 ? 14.073  -5.802  1.771   1.00 18.92 ? 28  TYR A CE2 1 
ATOM   245 C  CZ  . TYR A 1 31 ? 14.452  -7.128  1.894   1.00 19.69 ? 28  TYR A CZ  1 
ATOM   246 O  OH  . TYR A 1 31 ? 15.259  -7.510  2.939   1.00 21.14 ? 28  TYR A OH  1 
ATOM   247 N  N   . SER A 1 32 ? 12.867  -7.645  -3.879  1.00 15.47 ? 29  SER A N   1 
ATOM   248 C  CA  . SER A 1 32 ? 13.528  -8.834  -4.401  1.00 16.97 ? 29  SER A CA  1 
ATOM   249 C  C   . SER A 1 32 ? 14.664  -8.439  -5.337  1.00 18.05 ? 29  SER A C   1 
ATOM   250 O  O   . SER A 1 32 ? 15.762  -8.987  -5.259  1.00 18.83 ? 29  SER A O   1 
ATOM   251 C  CB  . SER A 1 32 ? 12.525  -9.720  -5.147  1.00 18.42 ? 29  SER A CB  1 
ATOM   252 O  OG  . SER A 1 32 ? 11.617  -10.329 -4.245  1.00 24.16 ? 29  SER A OG  1 
ATOM   253 N  N   . GLU A 1 33 ? 14.400  -7.479  -6.215  1.00 17.58 ? 30  GLU A N   1 
ATOM   254 C  CA  . GLU A 1 33 ? 15.409  -7.021  -7.165  1.00 19.46 ? 30  GLU A CA  1 
ATOM   255 C  C   . GLU A 1 33 ? 16.629  -6.400  -6.499  1.00 19.48 ? 30  GLU A C   1 
ATOM   256 O  O   . GLU A 1 33 ? 17.768  -6.715  -6.849  1.00 20.30 ? 30  GLU A O   1 
ATOM   257 C  CB  . GLU A 1 33 ? 14.805  -5.997  -8.130  1.00 20.92 ? 30  GLU A CB  1 
ATOM   258 C  CG  . GLU A 1 33 ? 13.844  -6.584  -9.139  1.00 23.68 ? 30  GLU A CG  1 
ATOM   259 C  CD  . GLU A 1 33 ? 14.518  -7.575  -10.065 1.00 24.30 ? 30  GLU A CD  1 
ATOM   260 O  OE1 . GLU A 1 33 ? 13.988  -8.693  -10.216 1.00 26.02 ? 30  GLU A OE1 1 
ATOM   261 O  OE2 . GLU A 1 33 ? 15.572  -7.236  -10.646 1.00 26.76 ? 30  GLU A OE2 1 
ATOM   262 N  N   . LYS A 1 34 ? 16.391  -5.523  -5.532  1.00 19.05 ? 31  LYS A N   1 
ATOM   263 C  CA  . LYS A 1 34 ? 17.483  -4.832  -4.861  1.00 19.92 ? 31  LYS A CA  1 
ATOM   264 C  C   . LYS A 1 34 ? 18.158  -5.558  -3.702  1.00 19.57 ? 31  LYS A C   1 
ATOM   265 O  O   . LYS A 1 34 ? 19.384  -5.659  -3.661  1.00 20.93 ? 31  LYS A O   1 
ATOM   266 C  CB  . LYS A 1 34 ? 17.004  -3.459  -4.380  1.00 21.07 ? 31  LYS A CB  1 
ATOM   267 C  CG  . LYS A 1 34 ? 18.097  -2.628  -3.726  1.00 21.40 ? 31  LYS A CG  1 
ATOM   268 C  CD  . LYS A 1 34 ? 17.638  -1.205  -3.450  1.00 24.03 ? 31  LYS A CD  1 
ATOM   269 C  CE  . LYS A 1 34 ? 18.780  -0.370  -2.891  1.00 26.45 ? 31  LYS A CE  1 
ATOM   270 N  NZ  . LYS A 1 34 ? 18.390  1.053   -2.693  1.00 27.46 ? 31  LYS A NZ  1 
ATOM   271 N  N   . PHE A 1 35 ? 17.369  -6.077  -2.769  1.00 18.47 ? 32  PHE A N   1 
ATOM   272 C  CA  . PHE A 1 35 ? 17.933  -6.732  -1.597  1.00 18.78 ? 32  PHE A CA  1 
ATOM   273 C  C   . PHE A 1 35 ? 18.065  -8.252  -1.622  1.00 18.86 ? 32  PHE A C   1 
ATOM   274 O  O   . PHE A 1 35 ? 18.745  -8.830  -0.773  1.00 18.15 ? 32  PHE A O   1 
ATOM   275 C  CB  . PHE A 1 35 ? 17.157  -6.276  -0.363  1.00 20.77 ? 32  PHE A CB  1 
ATOM   276 C  CG  . PHE A 1 35 ? 17.230  -4.792  -0.137  1.00 22.14 ? 32  PHE A CG  1 
ATOM   277 C  CD1 . PHE A 1 35 ? 18.415  -4.202  0.290   1.00 24.54 ? 32  PHE A CD1 1 
ATOM   278 C  CD2 . PHE A 1 35 ? 16.131  -3.978  -0.392  1.00 22.99 ? 32  PHE A CD2 1 
ATOM   279 C  CE1 . PHE A 1 35 ? 18.508  -2.820  0.455   1.00 26.65 ? 32  PHE A CE1 1 
ATOM   280 C  CE2 . PHE A 1 35 ? 16.215  -2.595  -0.231  1.00 25.87 ? 32  PHE A CE2 1 
ATOM   281 C  CZ  . PHE A 1 35 ? 17.405  -2.017  0.194   1.00 25.63 ? 32  PHE A CZ  1 
ATOM   282 N  N   . LEU A 1 36 ? 17.420  -8.909  -2.579  1.00 18.44 ? 33  LEU A N   1 
ATOM   283 C  CA  . LEU A 1 36 ? 17.549  -10.357 -2.672  1.00 19.38 ? 33  LEU A CA  1 
ATOM   284 C  C   . LEU A 1 36 ? 18.522  -10.702 -3.788  1.00 21.41 ? 33  LEU A C   1 
ATOM   285 O  O   . LEU A 1 36 ? 19.288  -11.658 -3.681  1.00 24.36 ? 33  LEU A O   1 
ATOM   286 C  CB  . LEU A 1 36 ? 16.193  -11.022 -2.924  1.00 18.14 ? 33  LEU A CB  1 
ATOM   287 C  CG  . LEU A 1 36 ? 15.189  -10.922 -1.771  1.00 17.48 ? 33  LEU A CG  1 
ATOM   288 C  CD1 . LEU A 1 36 ? 14.000  -11.823 -2.059  1.00 18.74 ? 33  LEU A CD1 1 
ATOM   289 C  CD2 . LEU A 1 36 ? 15.851  -11.335 -0.459  1.00 19.60 ? 33  LEU A CD2 1 
ATOM   290 N  N   . LYS A 1 37 ? 18.506  -9.910  -4.854  1.00 22.04 ? 34  LYS A N   1 
ATOM   291 C  CA  . LYS A 1 37 ? 19.403  -10.137 -5.982  1.00 23.82 ? 34  LYS A CA  1 
ATOM   292 C  C   . LYS A 1 37 ? 20.629  -9.237  -5.888  1.00 25.95 ? 34  LYS A C   1 
ATOM   293 O  O   . LYS A 1 37 ? 21.647  -9.489  -6.533  1.00 27.24 ? 34  LYS A O   1 
ATOM   294 C  CB  . LYS A 1 37 ? 18.679  -9.872  -7.301  1.00 22.54 ? 34  LYS A CB  1 
ATOM   295 C  CG  . LYS A 1 37 ? 17.493  -10.782 -7.556  1.00 21.22 ? 34  LYS A CG  1 
ATOM   296 C  CD  . LYS A 1 37 ? 16.885  -10.497 -8.918  1.00 21.68 ? 34  LYS A CD  1 
ATOM   297 C  CE  . LYS A 1 37 ? 15.653  -11.346 -9.169  1.00 21.98 ? 34  LYS A CE  1 
ATOM   298 N  NZ  . LYS A 1 37 ? 15.099  -11.099 -10.531 1.00 22.80 ? 34  LYS A NZ  1 
ATOM   299 N  N   . GLY A 1 38 ? 20.525  -8.186  -5.081  1.00 26.65 ? 35  GLY A N   1 
ATOM   300 C  CA  . GLY A 1 38 ? 21.636  -7.267  -4.925  1.00 29.43 ? 35  GLY A CA  1 
ATOM   301 C  C   . GLY A 1 38 ? 21.872  -6.430  -6.167  1.00 31.74 ? 35  GLY A C   1 
ATOM   302 O  O   . GLY A 1 38 ? 23.015  -6.150  -6.527  1.00 31.90 ? 35  GLY A O   1 
ATOM   303 N  N   . LYS A 1 39 ? 20.789  -6.031  -6.829  1.00 33.45 ? 36  LYS A N   1 
ATOM   304 C  CA  . LYS A 1 39 ? 20.892  -5.216  -8.032  1.00 36.45 ? 36  LYS A CA  1 
ATOM   305 C  C   . LYS A 1 39 ? 20.582  -3.758  -7.715  1.00 38.56 ? 36  LYS A C   1 
ATOM   306 O  O   . LYS A 1 39 ? 19.562  -3.451  -7.098  1.00 38.53 ? 36  LYS A O   1 
ATOM   307 C  CB  . LYS A 1 39 ? 19.928  -5.723  -9.109  1.00 37.02 ? 36  LYS A CB  1 
ATOM   308 C  CG  . LYS A 1 39 ? 20.261  -7.105  -9.646  1.00 38.42 ? 36  LYS A CG  1 
ATOM   309 C  CD  . LYS A 1 39 ? 19.327  -7.493  -10.782 1.00 39.62 ? 36  LYS A CD  1 
ATOM   310 C  CE  . LYS A 1 39 ? 19.703  -8.841  -11.373 1.00 39.94 ? 36  LYS A CE  1 
ATOM   311 N  NZ  . LYS A 1 39 ? 18.819  -9.208  -12.514 1.00 41.57 ? 36  LYS A NZ  1 
ATOM   312 N  N   . SER A 1 40 ? 21.471  -2.864  -8.134  1.00 40.58 ? 37  SER A N   1 
ATOM   313 C  CA  . SER A 1 40 ? 21.286  -1.439  -7.897  1.00 42.48 ? 37  SER A CA  1 
ATOM   314 C  C   . SER A 1 40 ? 20.275  -0.883  -8.894  1.00 43.06 ? 37  SER A C   1 
ATOM   315 O  O   . SER A 1 40 ? 20.635  -0.493  -10.005 1.00 43.85 ? 37  SER A O   1 
ATOM   316 C  CB  . SER A 1 40 ? 22.620  -0.700  -8.047  1.00 43.03 ? 37  SER A CB  1 
ATOM   317 O  OG  . SER A 1 40 ? 22.463  0.685   -7.795  1.00 44.67 ? 37  SER A OG  1 
ATOM   318 N  N   . VAL A 1 41 ? 19.009  -0.850  -8.491  1.00 42.94 ? 38  VAL A N   1 
ATOM   319 C  CA  . VAL A 1 41 ? 17.951  -0.350  -9.358  1.00 42.97 ? 38  VAL A CA  1 
ATOM   320 C  C   . VAL A 1 41 ? 17.245  0.871   -8.781  1.00 43.29 ? 38  VAL A C   1 
ATOM   321 O  O   . VAL A 1 41 ? 17.391  1.193   -7.602  1.00 43.39 ? 38  VAL A O   1 
ATOM   322 C  CB  . VAL A 1 41 ? 16.894  -1.441  -9.633  1.00 42.84 ? 38  VAL A CB  1 
ATOM   323 C  CG1 . VAL A 1 41 ? 17.526  -2.591  -10.400 1.00 42.82 ? 38  VAL A CG1 1 
ATOM   324 C  CG2 . VAL A 1 41 ? 16.306  -1.937  -8.321  1.00 42.80 ? 38  VAL A CG2 1 
ATOM   325 N  N   . GLU A 1 42 ? 16.478  1.544   -9.634  1.00 42.99 ? 39  GLU A N   1 
ATOM   326 C  CA  . GLU A 1 42 ? 15.725  2.733   -9.247  1.00 43.34 ? 39  GLU A CA  1 
ATOM   327 C  C   . GLU A 1 42 ? 14.798  2.423   -8.084  1.00 42.07 ? 39  GLU A C   1 
ATOM   328 O  O   . GLU A 1 42 ? 14.387  1.276   -7.897  1.00 41.70 ? 39  GLU A O   1 
ATOM   329 C  CB  . GLU A 1 42 ? 14.854  3.216   -10.410 1.00 44.64 ? 39  GLU A CB  1 
ATOM   330 C  CG  . GLU A 1 42 ? 15.587  3.653   -11.664 1.00 47.43 ? 39  GLU A CG  1 
ATOM   331 C  CD  . GLU A 1 42 ? 14.626  3.935   -12.807 1.00 48.93 ? 39  GLU A CD  1 
ATOM   332 O  OE1 . GLU A 1 42 ? 15.041  4.567   -13.801 1.00 49.92 ? 39  GLU A OE1 1 
ATOM   333 O  OE2 . GLU A 1 42 ? 13.451  3.517   -12.714 1.00 50.05 ? 39  GLU A OE2 1 
ATOM   334 N  N   . ASN A 1 43 ? 14.465  3.444   -7.302  1.00 40.78 ? 40  ASN A N   1 
ATOM   335 C  CA  . ASN A 1 43 ? 13.525  3.250   -6.209  1.00 38.94 ? 40  ASN A CA  1 
ATOM   336 C  C   . ASN A 1 43 ? 12.216  3.069   -6.969  1.00 37.24 ? 40  ASN A C   1 
ATOM   337 O  O   . ASN A 1 43 ? 12.055  3.619   -8.059  1.00 36.91 ? 40  ASN A O   1 
ATOM   338 C  CB  . ASN A 1 43 ? 13.452  4.489   -5.313  1.00 40.22 ? 40  ASN A CB  1 
ATOM   339 C  CG  . ASN A 1 43 ? 14.802  4.880   -4.745  1.00 41.50 ? 40  ASN A CG  1 
ATOM   340 O  OD1 . ASN A 1 43 ? 15.611  4.023   -4.394  1.00 42.24 ? 40  ASN A OD1 1 
ATOM   341 N  ND2 . ASN A 1 43 ? 15.046  6.181   -4.640  1.00 42.51 ? 40  ASN A ND2 1 
ATOM   342 N  N   . GLU A 1 44 ? 11.285  2.303   -6.417  1.00 33.84 ? 41  GLU A N   1 
ATOM   343 C  CA  . GLU A 1 44 ? 10.031  2.075   -7.120  1.00 30.39 ? 41  GLU A CA  1 
ATOM   344 C  C   . GLU A 1 44 ? 8.811   2.081   -6.211  1.00 27.33 ? 41  GLU A C   1 
ATOM   345 O  O   . GLU A 1 44 ? 8.920   2.175   -4.988  1.00 26.65 ? 41  GLU A O   1 
ATOM   346 C  CB  . GLU A 1 44 ? 10.087  0.731   -7.854  1.00 33.54 ? 41  GLU A CB  1 
ATOM   347 C  CG  . GLU A 1 44 ? 11.185  0.603   -8.901  1.00 36.45 ? 41  GLU A CG  1 
ATOM   348 C  CD  . GLU A 1 44 ? 10.925  1.448   -10.131 1.00 39.03 ? 41  GLU A CD  1 
ATOM   349 O  OE1 . GLU A 1 44 ? 9.814   1.349   -10.692 1.00 39.80 ? 41  GLU A OE1 1 
ATOM   350 O  OE2 . GLU A 1 44 ? 11.832  2.204   -10.541 1.00 41.17 ? 41  GLU A OE2 1 
ATOM   351 N  N   . CYS A 1 45 ? 7.648   1.987   -6.846  1.00 23.37 ? 42  CYS A N   1 
ATOM   352 C  CA  . CYS A 1 45 ? 6.365   1.923   -6.161  1.00 19.60 ? 42  CYS A CA  1 
ATOM   353 C  C   . CYS A 1 45 ? 5.849   3.205   -5.522  1.00 18.49 ? 42  CYS A C   1 
ATOM   354 O  O   . CYS A 1 45 ? 4.917   3.154   -4.727  1.00 17.51 ? 42  CYS A O   1 
ATOM   355 C  CB  . CYS A 1 45 ? 6.410   0.815   -5.106  1.00 17.13 ? 42  CYS A CB  1 
ATOM   356 S  SG  . CYS A 1 45 ? 7.158   -0.720  -5.739  1.00 17.69 ? 42  CYS A SG  1 
ATOM   357 N  N   . SER A 1 46 ? 6.434   4.350   -5.865  1.00 16.89 ? 43  SER A N   1 
ATOM   358 C  CA  . SER A 1 46 ? 5.974   5.606   -5.279  1.00 17.67 ? 43  SER A CA  1 
ATOM   359 C  C   . SER A 1 46 ? 4.521   5.880   -5.657  1.00 16.54 ? 43  SER A C   1 
ATOM   360 O  O   . SER A 1 46 ? 3.727   6.312   -4.823  1.00 15.44 ? 43  SER A O   1 
ATOM   361 C  CB  . SER A 1 46 ? 6.857   6.776   -5.736  1.00 19.70 ? 43  SER A CB  1 
ATOM   362 O  OG  . SER A 1 46 ? 6.699   7.034   -7.120  1.00 26.37 ? 43  SER A OG  1 
ATOM   363 N  N   . LYS A 1 47 ? 4.171   5.624   -6.913  1.00 16.23 ? 44  LYS A N   1 
ATOM   364 C  CA  . LYS A 1 47 ? 2.805   5.849   -7.373  1.00 15.43 ? 44  LYS A CA  1 
ATOM   365 C  C   . LYS A 1 47 ? 1.820   4.903   -6.694  1.00 13.76 ? 44  LYS A C   1 
ATOM   366 O  O   . LYS A 1 47 ? 0.751   5.326   -6.252  1.00 14.72 ? 44  LYS A O   1 
ATOM   367 C  CB  . LYS A 1 47 ? 2.713   5.686   -8.892  1.00 17.19 ? 44  LYS A CB  1 
ATOM   368 C  CG  . LYS A 1 47 ? 3.418   6.777   -9.682  1.00 20.81 ? 44  LYS A CG  1 
ATOM   369 C  CD  . LYS A 1 47 ? 3.228   6.571   -11.176 1.00 24.22 ? 44  LYS A CD  1 
ATOM   370 C  CE  . LYS A 1 47 ? 3.942   7.644   -11.979 1.00 28.38 ? 44  LYS A CE  1 
ATOM   371 N  NZ  . LYS A 1 47 ? 3.780   7.431   -13.443 1.00 32.00 ? 44  LYS A NZ  1 
ATOM   372 N  N   . GLN A 1 48 ? 2.177   3.625   -6.603  1.00 14.12 ? 45  GLN A N   1 
ATOM   373 C  CA  . GLN A 1 48 ? 1.297   2.651   -5.967  1.00 13.32 ? 45  GLN A CA  1 
ATOM   374 C  C   . GLN A 1 48 ? 1.130   2.976   -4.487  1.00 13.21 ? 45  GLN A C   1 
ATOM   375 O  O   . GLN A 1 48 ? 0.046   2.814   -3.926  1.00 13.57 ? 45  GLN A O   1 
ATOM   376 C  CB  . GLN A 1 48 ? 1.845   1.232   -6.142  1.00 14.54 ? 45  GLN A CB  1 
ATOM   377 C  CG  . GLN A 1 48 ? 1.831   0.750   -7.589  1.00 16.76 ? 45  GLN A CG  1 
ATOM   378 C  CD  . GLN A 1 48 ? 3.128   1.027   -8.333  1.00 16.59 ? 45  GLN A CD  1 
ATOM   379 O  OE1 . GLN A 1 48 ? 3.830   2.000   -8.058  1.00 16.60 ? 45  GLN A OE1 1 
ATOM   380 N  NE2 . GLN A 1 48 ? 3.446   0.163   -9.292  1.00 20.53 ? 45  GLN A NE2 1 
ATOM   381 N  N   . TRP A 1 49 ? 2.206   3.439   -3.860  1.00 12.78 ? 46  TRP A N   1 
ATOM   382 C  CA  . TRP A 1 49 ? 2.177   3.817   -2.451  1.00 12.97 ? 46  TRP A CA  1 
ATOM   383 C  C   . TRP A 1 49 ? 1.231   5.004   -2.255  1.00 14.15 ? 46  TRP A C   1 
ATOM   384 O  O   . TRP A 1 49 ? 0.413   5.017   -1.339  1.00 15.38 ? 46  TRP A O   1 
ATOM   385 C  CB  . TRP A 1 49 ? 3.581   4.213   -1.983  1.00 14.46 ? 46  TRP A CB  1 
ATOM   386 C  CG  . TRP A 1 49 ? 3.603   4.861   -0.633  1.00 15.55 ? 46  TRP A CG  1 
ATOM   387 C  CD1 . TRP A 1 49 ? 3.554   4.235   0.582   1.00 15.77 ? 46  TRP A CD1 1 
ATOM   388 C  CD2 . TRP A 1 49 ? 3.635   6.267   -0.357  1.00 16.61 ? 46  TRP A CD2 1 
ATOM   389 N  NE1 . TRP A 1 49 ? 3.553   5.163   1.594   1.00 17.64 ? 46  TRP A NE1 1 
ATOM   390 C  CE2 . TRP A 1 49 ? 3.599   6.419   1.047   1.00 17.23 ? 46  TRP A CE2 1 
ATOM   391 C  CE3 . TRP A 1 49 ? 3.686   7.415   -1.161  1.00 17.84 ? 46  TRP A CE3 1 
ATOM   392 C  CZ2 . TRP A 1 49 ? 3.616   7.674   1.668   1.00 18.79 ? 46  TRP A CZ2 1 
ATOM   393 C  CZ3 . TRP A 1 49 ? 3.703   8.663   -0.545  1.00 19.22 ? 46  TRP A CZ3 1 
ATOM   394 C  CH2 . TRP A 1 49 ? 3.666   8.782   0.856   1.00 19.11 ? 46  TRP A CH2 1 
ATOM   395 N  N   . TYR A 1 50 ? 1.348   6.002   -3.123  1.00 12.77 ? 47  TYR A N   1 
ATOM   396 C  CA  . TYR A 1 50 ? 0.513   7.190   -3.022  1.00 12.97 ? 47  TYR A CA  1 
ATOM   397 C  C   . TYR A 1 50 ? -0.967  6.870   -3.210  1.00 12.83 ? 47  TYR A C   1 
ATOM   398 O  O   . TYR A 1 50 ? -1.817  7.382   -2.477  1.00 13.51 ? 47  TYR A O   1 
ATOM   399 C  CB  . TYR A 1 50 ? 0.971   8.237   -4.045  1.00 12.43 ? 47  TYR A CB  1 
ATOM   400 C  CG  . TYR A 1 50 ? 0.355   9.603   -3.841  1.00 11.18 ? 47  TYR A CG  1 
ATOM   401 C  CD1 . TYR A 1 50 ? -0.882  9.927   -4.396  1.00 12.79 ? 47  TYR A CD1 1 
ATOM   402 C  CD2 . TYR A 1 50 ? 1.007   10.567  -3.075  1.00 13.37 ? 47  TYR A CD2 1 
ATOM   403 C  CE1 . TYR A 1 50 ? -1.454  11.180  -4.193  1.00 12.91 ? 47  TYR A CE1 1 
ATOM   404 C  CE2 . TYR A 1 50 ? 0.446   11.820  -2.865  1.00 14.00 ? 47  TYR A CE2 1 
ATOM   405 C  CZ  . TYR A 1 50 ? -0.784  12.122  -3.426  1.00 13.96 ? 47  TYR A CZ  1 
ATOM   406 O  OH  . TYR A 1 50 ? -1.343  13.363  -3.211  1.00 15.07 ? 47  TYR A OH  1 
ATOM   407 N  N   . ALA A 1 51 ? -1.278  6.020   -4.186  1.00 12.81 ? 48  ALA A N   1 
ATOM   408 C  CA  . ALA A 1 51 ? -2.665  5.652   -4.441  1.00 11.82 ? 48  ALA A CA  1 
ATOM   409 C  C   . ALA A 1 51 ? -3.284  5.003   -3.209  1.00 12.35 ? 48  ALA A C   1 
ATOM   410 O  O   . ALA A 1 51 ? -4.371  5.382   -2.773  1.00 13.61 ? 48  ALA A O   1 
ATOM   411 C  CB  . ALA A 1 51 ? -2.747  4.703   -5.630  1.00 13.20 ? 48  ALA A CB  1 
ATOM   412 N  N   . TYR A 1 52 ? -2.589  4.025   -2.640  1.00 12.35 ? 49  TYR A N   1 
ATOM   413 C  CA  . TYR A 1 52 ? -3.113  3.344   -1.467  1.00 11.99 ? 49  TYR A CA  1 
ATOM   414 C  C   . TYR A 1 52 ? -3.200  4.258   -0.249  1.00 12.13 ? 49  TYR A C   1 
ATOM   415 O  O   . TYR A 1 52 ? -4.238  4.317   0.412   1.00 12.61 ? 49  TYR A O   1 
ATOM   416 C  CB  . TYR A 1 52 ? -2.261  2.119   -1.129  1.00 13.10 ? 49  TYR A CB  1 
ATOM   417 C  CG  . TYR A 1 52 ? -2.739  1.405   0.117   1.00 13.10 ? 49  TYR A CG  1 
ATOM   418 C  CD1 . TYR A 1 52 ? -4.026  0.875   0.185   1.00 13.82 ? 49  TYR A CD1 1 
ATOM   419 C  CD2 . TYR A 1 52 ? -1.923  1.301   1.243   1.00 15.57 ? 49  TYR A CD2 1 
ATOM   420 C  CE1 . TYR A 1 52 ? -4.498  0.265   1.346   1.00 14.57 ? 49  TYR A CE1 1 
ATOM   421 C  CE2 . TYR A 1 52 ? -2.385  0.689   2.412   1.00 15.67 ? 49  TYR A CE2 1 
ATOM   422 C  CZ  . TYR A 1 52 ? -3.673  0.176   2.453   1.00 16.25 ? 49  TYR A CZ  1 
ATOM   423 O  OH  . TYR A 1 52 ? -4.151  -0.410  3.606   1.00 17.98 ? 49  TYR A OH  1 
ATOM   424 N  N   . THR A 1 53 ? -2.115  4.968   0.047   1.00 12.24 ? 50  THR A N   1 
ATOM   425 C  CA  . THR A 1 53 ? -2.087  5.866   1.195   1.00 12.21 ? 50  THR A CA  1 
ATOM   426 C  C   . THR A 1 53 ? -3.191  6.922   1.127   1.00 12.59 ? 50  THR A C   1 
ATOM   427 O  O   . THR A 1 53 ? -3.866  7.176   2.122   1.00 13.90 ? 50  THR A O   1 
ATOM   428 C  CB  . THR A 1 53 ? -0.709  6.558   1.323   1.00 14.38 ? 50  THR A CB  1 
ATOM   429 O  OG1 . THR A 1 53 ? 0.304   5.563   1.538   1.00 16.03 ? 50  THR A OG1 1 
ATOM   430 C  CG2 . THR A 1 53 ? -0.707  7.541   2.488   1.00 18.04 ? 50  THR A CG2 1 
ATOM   431 N  N   . THR A 1 54 ? -3.387  7.532   -0.038  1.00 12.45 ? 51  THR A N   1 
ATOM   432 C  CA  . THR A 1 54 ? -4.432  8.547   -0.164  1.00 13.23 ? 51  THR A CA  1 
ATOM   433 C  C   . THR A 1 54 ? -5.821  7.939   0.001   1.00 11.92 ? 51  THR A C   1 
ATOM   434 O  O   . THR A 1 54 ? -6.724  8.571   0.549   1.00 13.09 ? 51  THR A O   1 
ATOM   435 C  CB  . THR A 1 54 ? -4.357  9.283   -1.520  1.00 15.83 ? 51  THR A CB  1 
ATOM   436 O  OG1 . THR A 1 54 ? -4.459  8.344   -2.594  1.00 20.72 ? 51  THR A OG1 1 
ATOM   437 C  CG2 . THR A 1 54 ? -3.054  10.039  -1.626  1.00 16.30 ? 51  THR A CG2 1 
ATOM   438 N  N   . CYS A 1 55 ? -5.988  6.708   -0.469  1.00 12.63 ? 52  CYS A N   1 
ATOM   439 C  CA  . CYS A 1 55 ? -7.264  6.022   -0.355  1.00 12.79 ? 52  CYS A CA  1 
ATOM   440 C  C   . CYS A 1 55 ? -7.595  5.808   1.121   1.00 12.76 ? 52  CYS A C   1 
ATOM   441 O  O   . CYS A 1 55 ? -8.726  6.027   1.552   1.00 13.49 ? 52  CYS A O   1 
ATOM   442 C  CB  . CYS A 1 55 ? -7.197  4.676   -1.079  1.00 13.48 ? 52  CYS A CB  1 
ATOM   443 S  SG  . CYS A 1 55 ? -8.787  3.795   -1.180  1.00 13.35 ? 52  CYS A SG  1 
ATOM   444 N  N   . VAL A 1 56 ? -6.595  5.383   1.889   1.00 13.01 ? 53  VAL A N   1 
ATOM   445 C  CA  . VAL A 1 56 ? -6.777  5.145   3.314   1.00 13.17 ? 53  VAL A CA  1 
ATOM   446 C  C   . VAL A 1 56 ? -7.060  6.454   4.045   1.00 13.12 ? 53  VAL A C   1 
ATOM   447 O  O   . VAL A 1 56 ? -7.958  6.521   4.889   1.00 12.55 ? 53  VAL A O   1 
ATOM   448 C  CB  . VAL A 1 56 ? -5.530  4.457   3.918   1.00 15.13 ? 53  VAL A CB  1 
ATOM   449 C  CG1 . VAL A 1 56 ? -5.602  4.467   5.441   1.00 19.96 ? 53  VAL A CG1 1 
ATOM   450 C  CG2 . VAL A 1 56 ? -5.438  3.027   3.401   1.00 17.93 ? 53  VAL A CG2 1 
ATOM   451 N  N   . ASN A 1 57 ? -6.304  7.497   3.717   1.00 12.49 ? 54  ASN A N   1 
ATOM   452 C  CA  . ASN A 1 57 ? -6.507  8.791   4.354   1.00 13.10 ? 54  ASN A CA  1 
ATOM   453 C  C   . ASN A 1 57 ? -7.907  9.324   4.064   1.00 11.54 ? 54  ASN A C   1 
ATOM   454 O  O   . ASN A 1 57 ? -8.574  9.866   4.946   1.00 12.52 ? 54  ASN A O   1 
ATOM   455 C  CB  . ASN A 1 57 ? -5.470  9.809   3.870   1.00 14.08 ? 54  ASN A CB  1 
ATOM   456 C  CG  . ASN A 1 57 ? -4.116  9.618   4.518   1.00 19.50 ? 54  ASN A CG  1 
ATOM   457 O  OD1 . ASN A 1 57 ? -4.022  9.191   5.669   1.00 22.71 ? 54  ASN A OD1 1 
ATOM   458 N  ND2 . ASN A 1 57 ? -3.058  9.965   3.793   1.00 21.96 ? 54  ASN A ND2 1 
ATOM   459 N  N   . ALA A 1 58 ? -8.355  9.168   2.822   1.00 12.34 ? 55  ALA A N   1 
ATOM   460 C  CA  . ALA A 1 58 ? -9.680  9.637   2.446   1.00 11.24 ? 55  ALA A CA  1 
ATOM   461 C  C   . ALA A 1 58 ? -10.751 8.932   3.273   1.00 10.45 ? 55  ALA A C   1 
ATOM   462 O  O   . ALA A 1 58 ? -11.719 9.554   3.706   1.00 12.32 ? 55  ALA A O   1 
ATOM   463 C  CB  . ALA A 1 58 ? -9.917  9.403   0.955   1.00 12.23 ? 55  ALA A CB  1 
ATOM   464 N  N   . ALA A 1 59 ? -10.567 7.632   3.495   1.00 11.64 ? 56  ALA A N   1 
ATOM   465 C  CA  . ALA A 1 59 ? -11.523 6.856   4.279   1.00 11.79 ? 56  ALA A CA  1 
ATOM   466 C  C   . ALA A 1 59 ? -11.574 7.344   5.725   1.00 11.41 ? 56  ALA A C   1 
ATOM   467 O  O   . ALA A 1 59 ? -12.650 7.499   6.297   1.00 12.54 ? 56  ALA A O   1 
ATOM   468 C  CB  . ALA A 1 59 ? -11.155 5.377   4.235   1.00 12.01 ? 56  ALA A CB  1 
ATOM   469 N  N   . LEU A 1 60 ? -10.408 7.596   6.308   1.00 11.23 ? 57  LEU A N   1 
ATOM   470 C  CA  . LEU A 1 60 ? -10.349 8.077   7.684   1.00 11.21 ? 57  LEU A CA  1 
ATOM   471 C  C   . LEU A 1 60 ? -11.026 9.440   7.823   1.00 11.03 ? 57  LEU A C   1 
ATOM   472 O  O   . LEU A 1 60 ? -11.790 9.669   8.758   1.00 11.38 ? 57  LEU A O   1 
ATOM   473 C  CB  . LEU A 1 60 ? -8.893  8.164   8.152   1.00 12.00 ? 57  LEU A CB  1 
ATOM   474 C  CG  . LEU A 1 60 ? -8.136  6.836   8.245   1.00 12.55 ? 57  LEU A CG  1 
ATOM   475 C  CD1 . LEU A 1 60 ? -6.647  7.104   8.424   1.00 14.21 ? 57  LEU A CD1 1 
ATOM   476 C  CD2 . LEU A 1 60 ? -8.685  6.006   9.404   1.00 13.21 ? 57  LEU A CD2 1 
ATOM   477 N  N   . VAL A 1 61 ? -10.755 10.348  6.889   1.00 11.31 ? 58  VAL A N   1 
ATOM   478 C  CA  . VAL A 1 61 ? -11.371 11.667  6.956   1.00 11.46 ? 58  VAL A CA  1 
ATOM   479 C  C   . VAL A 1 61 ? -12.882 11.583  6.729   1.00 11.26 ? 58  VAL A C   1 
ATOM   480 O  O   . VAL A 1 61 ? -13.657 12.246  7.416   1.00 12.52 ? 58  VAL A O   1 
ATOM   481 C  CB  . VAL A 1 61 ? -10.737 12.630  5.919   1.00 11.51 ? 58  VAL A CB  1 
ATOM   482 C  CG1 . VAL A 1 61 ? -11.518 13.931  5.865   1.00 12.62 ? 58  VAL A CG1 1 
ATOM   483 C  CG2 . VAL A 1 61 ? -9.290  12.916  6.299   1.00 13.10 ? 58  VAL A CG2 1 
ATOM   484 N  N   . LYS A 1 62 ? -13.302 10.756  5.777   1.00 11.35 ? 59  LYS A N   1 
ATOM   485 C  CA  . LYS A 1 62 ? -14.726 10.627  5.488   1.00 12.78 ? 59  LYS A CA  1 
ATOM   486 C  C   . LYS A 1 62 ? -15.525 10.176  6.710   1.00 12.75 ? 59  LYS A C   1 
ATOM   487 O  O   . LYS A 1 62 ? -16.644 10.643  6.937   1.00 13.71 ? 59  LYS A O   1 
ATOM   488 C  CB  . LYS A 1 62 ? -14.942 9.646   4.332   1.00 13.16 ? 59  LYS A CB  1 
ATOM   489 C  CG  . LYS A 1 62 ? -16.401 9.472   3.935   1.00 15.79 ? 59  LYS A CG  1 
ATOM   490 C  CD  . LYS A 1 62 ? -16.536 8.547   2.739   1.00 20.22 ? 59  LYS A CD  1 
ATOM   491 C  CE  . LYS A 1 62 ? -17.992 8.367   2.346   1.00 24.28 ? 59  LYS A CE  1 
ATOM   492 N  NZ  . LYS A 1 62 ? -18.630 9.662   1.990   1.00 28.46 ? 59  LYS A NZ  1 
ATOM   493 N  N   . GLN A 1 63 ? -14.943 9.280   7.501   1.00 12.38 ? 60  GLN A N   1 
ATOM   494 C  CA  . GLN A 1 63 ? -15.618 8.768   8.689   1.00 13.24 ? 60  GLN A CA  1 
ATOM   495 C  C   . GLN A 1 63 ? -15.444 9.649   9.921   1.00 14.29 ? 60  GLN A C   1 
ATOM   496 O  O   . GLN A 1 63 ? -15.861 9.280   11.021  1.00 17.12 ? 60  GLN A O   1 
ATOM   497 C  CB  . GLN A 1 63 ? -15.146 7.344   8.981   1.00 14.33 ? 60  GLN A CB  1 
ATOM   498 C  CG  . GLN A 1 63 ? -15.506 6.350   7.891   1.00 15.97 ? 60  GLN A CG  1 
ATOM   499 C  CD  . GLN A 1 63 ? -16.976 6.398   7.520   1.00 16.06 ? 60  GLN A CD  1 
ATOM   500 O  OE1 . GLN A 1 63 ? -17.841 6.462   8.392   1.00 17.60 ? 60  GLN A OE1 1 
ATOM   501 N  NE2 . GLN A 1 63 ? -17.265 6.361   6.224   1.00 18.03 ? 60  GLN A NE2 1 
ATOM   502 N  N   . GLY A 1 64 ? -14.825 10.808  9.730   1.00 14.36 ? 61  GLY A N   1 
ATOM   503 C  CA  . GLY A 1 64 ? -14.635 11.754  10.817  1.00 14.67 ? 61  GLY A CA  1 
ATOM   504 C  C   . GLY A 1 64 ? -13.631 11.407  11.897  1.00 15.47 ? 61  GLY A C   1 
ATOM   505 O  O   . GLY A 1 64 ? -13.709 11.954  12.999  1.00 17.33 ? 61  GLY A O   1 
ATOM   506 N  N   . ILE A 1 65 ? -12.684 10.523  11.602  1.00 13.68 ? 62  ILE A N   1 
ATOM   507 C  CA  . ILE A 1 65 ? -11.696 10.142  12.606  1.00 13.51 ? 62  ILE A CA  1 
ATOM   508 C  C   . ILE A 1 65 ? -10.270 10.585  12.276  1.00 13.02 ? 62  ILE A C   1 
ATOM   509 O  O   . ILE A 1 65 ? -9.296  10.071  12.828  1.00 13.66 ? 62  ILE A O   1 
ATOM   510 C  CB  . ILE A 1 65 ? -11.757 8.617   12.892  1.00 12.87 ? 62  ILE A CB  1 
ATOM   511 C  CG1 . ILE A 1 65 ? -11.479 7.807   11.624  1.00 12.54 ? 62  ILE A CG1 1 
ATOM   512 C  CG2 . ILE A 1 65 ? -13.140 8.262   13.433  1.00 13.39 ? 62  ILE A CG2 1 
ATOM   513 C  CD1 . ILE A 1 65 ? -11.508 6.296   11.850  1.00 13.76 ? 62  ILE A CD1 1 
ATOM   514 N  N   . LYS A 1 66 ? -10.169 11.548  11.366  1.00 13.63 ? 63  LYS A N   1 
ATOM   515 C  CA  . LYS A 1 66 ? -8.906  12.155  10.955  1.00 14.59 ? 63  LYS A CA  1 
ATOM   516 C  C   . LYS A 1 66 ? -9.305  13.534  10.437  1.00 14.52 ? 63  LYS A C   1 
ATOM   517 O  O   . LYS A 1 66 ? -10.230 13.651  9.638   1.00 14.46 ? 63  LYS A O   1 
ATOM   518 C  CB  . LYS A 1 66 ? -8.233  11.353  9.835   1.00 15.03 ? 63  LYS A CB  1 
ATOM   519 C  CG  . LYS A 1 66 ? -6.899  11.939  9.367   1.00 19.80 ? 63  LYS A CG  1 
ATOM   520 C  CD  . LYS A 1 66 ? -6.307  11.121  8.225   1.00 21.42 ? 63  LYS A CD  1 
ATOM   521 C  CE  . LYS A 1 66 ? -4.967  11.671  7.756   1.00 25.73 ? 63  LYS A CE  1 
ATOM   522 N  NZ  . LYS A 1 66 ? -3.908  11.535  8.797   1.00 26.79 ? 63  LYS A NZ  1 
ATOM   523 N  N   . PRO A 1 67 ? -8.635  14.600  10.902  1.00 16.33 ? 64  PRO A N   1 
ATOM   524 C  CA  . PRO A 1 67 ? -8.981  15.948  10.437  1.00 17.45 ? 64  PRO A CA  1 
ATOM   525 C  C   . PRO A 1 67 ? -8.606  16.193  8.979   1.00 17.96 ? 64  PRO A C   1 
ATOM   526 O  O   . PRO A 1 67 ? -7.597  15.689  8.495   1.00 17.77 ? 64  PRO A O   1 
ATOM   527 C  CB  . PRO A 1 67 ? -8.211  16.851  11.399  1.00 19.58 ? 64  PRO A CB  1 
ATOM   528 C  CG  . PRO A 1 67 ? -7.001  16.032  11.728  1.00 19.75 ? 64  PRO A CG  1 
ATOM   529 C  CD  . PRO A 1 67 ? -7.582  14.652  11.933  1.00 17.44 ? 64  PRO A CD  1 
ATOM   530 N  N   . ALA A 1 68 ? -9.430  16.973  8.286   1.00 19.12 ? 65  ALA A N   1 
ATOM   531 C  CA  . ALA A 1 68 ? -9.189  17.287  6.882   1.00 21.72 ? 65  ALA A CA  1 
ATOM   532 C  C   . ALA A 1 68 ? -8.027  18.260  6.701   1.00 24.74 ? 65  ALA A C   1 
ATOM   533 O  O   . ALA A 1 68 ? -7.201  18.087  5.805   1.00 26.46 ? 65  ALA A O   1 
ATOM   534 C  CB  . ALA A 1 68 ? -10.451 17.862  6.255   1.00 20.87 ? 65  ALA A CB  1 
ATOM   535 N  N   . LEU A 1 69 ? -7.964  19.283  7.549   1.00 28.93 ? 66  LEU A N   1 
ATOM   536 C  CA  . LEU A 1 69 ? -6.894  20.271  7.459   1.00 31.99 ? 66  LEU A CA  1 
ATOM   537 C  C   . LEU A 1 69 ? -6.056  20.334  8.733   1.00 33.22 ? 66  LEU A C   1 
ATOM   538 O  O   . LEU A 1 69 ? -6.360  19.556  9.662   1.00 35.09 ? 66  LEU A O   1 
ATOM   539 C  CB  . LEU A 1 69 ? -7.468  21.661  7.160   1.00 33.39 ? 66  LEU A CB  1 
ATOM   540 C  CG  . LEU A 1 69 ? -8.302  21.818  5.888   1.00 35.73 ? 66  LEU A CG  1 
ATOM   541 C  CD1 . LEU A 1 69 ? -9.780  21.708  6.230   1.00 36.04 ? 66  LEU A CD1 1 
ATOM   542 C  CD2 . LEU A 1 69 ? -8.015  23.167  5.248   1.00 36.75 ? 66  LEU A CD2 1 
HETATM 543 C  C1  . GOL B 2 .  ? -2.042  -1.178  6.207   1.00 34.14 ? 101 GOL A C1  1 
HETATM 544 O  O1  . GOL B 2 .  ? -2.531  -0.030  5.508   1.00 33.33 ? 101 GOL A O1  1 
HETATM 545 C  C2  . GOL B 2 .  ? -1.076  -1.954  5.312   1.00 32.76 ? 101 GOL A C2  1 
HETATM 546 O  O2  . GOL B 2 .  ? 0.040   -1.123  4.980   1.00 32.06 ? 101 GOL A O2  1 
HETATM 547 C  C3  . GOL B 2 .  ? -0.580  -3.192  6.062   1.00 35.33 ? 101 GOL A C3  1 
HETATM 548 O  O3  . GOL B 2 .  ? -1.694  -4.021  6.407   1.00 37.14 ? 101 GOL A O3  1 
HETATM 549 CO CO  . CO  C 3 .  ? 7.748   -15.030 4.617   1.00 80.10 ? 102 CO  A CO  1 
HETATM 550 O  O   . HOH D 4 .  ? 15.166  3.345   -2.039  0.50 35.21 ? 201 HOH A O   1 
HETATM 551 O  O   . HOH D 4 .  ? -5.321  -6.089  12.357  1.00 47.01 ? 202 HOH A O   1 
HETATM 552 O  O   . HOH D 4 .  ? 15.136  -9.927  3.824   1.00 24.84 ? 203 HOH A O   1 
HETATM 553 O  O   . HOH D 4 .  ? 16.085  1.587   -5.220  1.00 38.77 ? 204 HOH A O   1 
HETATM 554 O  O   . HOH D 4 .  ? 7.299   1.830   -9.435  1.00 41.78 ? 205 HOH A O   1 
HETATM 555 O  O   . HOH D 4 .  ? -12.723 -7.515  5.347   1.00 41.20 ? 206 HOH A O   1 
HETATM 556 O  O   . HOH D 4 .  ? -16.337 1.951   1.544   1.00 34.63 ? 207 HOH A O   1 
HETATM 557 O  O   . HOH D 4 .  ? 10.854  1.616   -3.276  1.00 35.08 ? 208 HOH A O   1 
HETATM 558 O  O   . HOH D 4 .  ? 10.809  -9.929  -1.693  1.00 31.55 ? 209 HOH A O   1 
HETATM 559 O  O   . HOH D 4 .  ? -11.839 -5.677  0.812   1.00 22.26 ? 210 HOH A O   1 
HETATM 560 O  O   . HOH D 4 .  ? 0.256   15.108  -2.018  1.00 27.08 ? 211 HOH A O   1 
HETATM 561 O  O   . HOH D 4 .  ? -0.701  -8.381  -7.309  1.00 43.19 ? 212 HOH A O   1 
HETATM 562 O  O   . HOH D 4 .  ? -6.508  -0.819  -8.483  1.00 35.86 ? 213 HOH A O   1 
HETATM 563 O  O   . HOH D 4 .  ? -7.017  -7.098  -4.180  1.00 19.72 ? 214 HOH A O   1 
HETATM 564 O  O   . HOH D 4 .  ? -11.402 5.878   0.567   1.00 14.77 ? 215 HOH A O   1 
HETATM 565 O  O   . HOH D 4 .  ? 20.374  -14.082 -4.031  1.00 36.60 ? 216 HOH A O   1 
HETATM 566 O  O   . HOH D 4 .  ? 16.693  1.577   -0.679  1.00 35.54 ? 217 HOH A O   1 
HETATM 567 O  O   . HOH D 4 .  ? 1.848   7.196   -15.296 1.00 39.84 ? 218 HOH A O   1 
HETATM 568 O  O   . HOH D 4 .  ? -4.983  15.306  9.013   1.00 33.73 ? 219 HOH A O   1 
HETATM 569 O  O   . HOH D 4 .  ? -9.649  -2.380  -8.978  1.00 45.22 ? 220 HOH A O   1 
HETATM 570 O  O   . HOH D 4 .  ? -8.418  -1.966  2.008   1.00 16.71 ? 221 HOH A O   1 
HETATM 571 O  O   . HOH D 4 .  ? -12.573 11.488  1.993   1.00 15.65 ? 222 HOH A O   1 
HETATM 572 O  O   . HOH D 4 .  ? 20.843  -10.535 -0.451  1.00 27.01 ? 223 HOH A O   1 
HETATM 573 O  O   . HOH D 4 .  ? -20.256 5.224   8.122   1.00 25.55 ? 224 HOH A O   1 
HETATM 574 O  O   . HOH D 4 .  ? -16.094 2.052   6.646   1.00 20.04 ? 225 HOH A O   1 
HETATM 575 O  O   . HOH D 4 .  ? -8.715  -0.485  -4.484  1.00 16.14 ? 226 HOH A O   1 
HETATM 576 O  O   . HOH D 4 .  ? -3.696  13.527  10.671  1.00 40.68 ? 227 HOH A O   1 
HETATM 577 O  O   . HOH D 4 .  ? -1.566  1.040   -5.283  1.00 15.35 ? 228 HOH A O   1 
HETATM 578 O  O   . HOH D 4 .  ? -13.965 12.464  15.705  1.00 36.38 ? 229 HOH A O   1 
HETATM 579 O  O   . HOH D 4 .  ? -6.472  7.052   -3.986  1.00 31.15 ? 230 HOH A O   1 
HETATM 580 O  O   . HOH D 4 .  ? -0.695  6.490   -8.305  1.00 16.23 ? 231 HOH A O   1 
HETATM 581 O  O   . HOH D 4 .  ? 11.738  -8.900  -8.609  1.00 21.31 ? 232 HOH A O   1 
HETATM 582 O  O   . HOH D 4 .  ? -12.922 14.205  9.269   1.00 16.69 ? 233 HOH A O   1 
HETATM 583 O  O   . HOH D 4 .  ? 1.767   -3.869  -8.659  1.00 30.29 ? 234 HOH A O   1 
HETATM 584 O  O   . HOH D 4 .  ? -19.130 11.341  5.888   1.00 38.21 ? 235 HOH A O   1 
HETATM 585 O  O   . HOH D 4 .  ? -14.199 3.536   3.757   1.00 19.62 ? 236 HOH A O   1 
HETATM 586 O  O   . HOH D 4 .  ? 5.742   0.230   -10.913 1.00 35.37 ? 237 HOH A O   1 
HETATM 587 O  O   . HOH D 4 .  ? -5.932  -4.878  4.307   1.00 27.73 ? 238 HOH A O   1 
HETATM 588 O  O   . HOH D 4 .  ? -6.311  -2.211  3.758   1.00 23.93 ? 239 HOH A O   1 
HETATM 589 O  O   . HOH D 4 .  ? -12.910 -4.803  -1.615  1.00 27.09 ? 240 HOH A O   1 
HETATM 590 O  O   . HOH D 4 .  ? -14.840 5.922   4.821   1.00 29.85 ? 241 HOH A O   1 
HETATM 591 O  O   . HOH D 4 .  ? 8.961   5.248   -7.342  1.00 31.88 ? 242 HOH A O   1 
HETATM 592 O  O   . HOH D 4 .  ? -9.979  19.986  9.530   1.00 39.45 ? 243 HOH A O   1 
HETATM 593 O  O   . HOH D 4 .  ? 17.161  -11.636 -12.532 1.00 48.26 ? 244 HOH A O   1 
HETATM 594 O  O   . HOH D 4 .  ? 6.174   8.485   -14.769 1.00 46.35 ? 245 HOH A O   1 
HETATM 595 O  O   . HOH D 4 .  ? -10.637 3.376   -4.720  1.00 33.12 ? 246 HOH A O   1 
HETATM 596 O  O   . HOH D 4 .  ? -10.692 -2.723  -3.705  1.00 23.26 ? 247 HOH A O   1 
HETATM 597 O  O   . HOH D 4 .  ? -4.274  1.200   -9.490  1.00 35.76 ? 248 HOH A O   1 
HETATM 598 O  O   . HOH D 4 .  ? 5.728   4.318   -9.085  1.00 23.29 ? 249 HOH A O   1 
HETATM 599 O  O   . HOH D 4 .  ? 1.314   -1.760  -10.154 1.00 37.60 ? 250 HOH A O   1 
HETATM 600 O  O   . HOH D 4 .  ? -5.214  -6.184  -0.094  1.00 30.88 ? 251 HOH A O   1 
HETATM 601 O  O   . HOH D 4 .  ? -3.710  13.956  -1.432  1.00 29.55 ? 252 HOH A O   1 
HETATM 602 O  O   . HOH D 4 .  ? -0.730  9.407   5.648   1.00 43.52 ? 253 HOH A O   1 
HETATM 603 O  O   . HOH D 4 .  ? 8.686   -3.070  -8.465  1.00 29.07 ? 254 HOH A O   1 
HETATM 604 O  O   . HOH D 4 .  ? 5.859   9.788   -8.161  1.00 34.92 ? 255 HOH A O   1 
HETATM 605 O  O   . HOH D 4 .  ? 9.381   4.976   -3.824  1.00 33.17 ? 256 HOH A O   1 
HETATM 606 O  O   . HOH D 4 .  ? 16.275  8.461   -2.978  1.00 55.60 ? 257 HOH A O   1 
HETATM 607 O  O   . HOH D 4 .  ? -20.185 6.268   5.253   1.00 29.65 ? 258 HOH A O   1 
HETATM 608 O  O   . HOH D 4 .  ? -16.526 10.445  -0.178  1.00 42.60 ? 259 HOH A O   1 
HETATM 609 O  O   . HOH D 4 .  ? -4.724  16.316  6.585   1.00 42.73 ? 260 HOH A O   1 
HETATM 610 O  O   . HOH D 4 .  ? 11.049  -4.113  -9.215  1.00 44.02 ? 261 HOH A O   1 
HETATM 611 O  O   . HOH D 4 .  ? 22.583  -10.935 -2.859  1.00 44.49 ? 262 HOH A O   1 
HETATM 612 O  O   . HOH D 4 .  ? -0.808  3.975   -9.262  1.00 31.42 ? 263 HOH A O   1 
HETATM 613 O  O   . HOH D 4 .  ? -13.591 7.341   1.445   1.00 18.82 ? 264 HOH A O   1 
HETATM 614 O  O   . HOH D 4 .  ? -19.009 4.507   3.511   1.00 35.21 ? 265 HOH A O   1 
HETATM 615 O  O   . HOH D 4 .  ? -17.262 2.650   4.318   1.00 30.82 ? 266 HOH A O   1 
HETATM 616 O  O   . HOH D 4 .  ? -13.847 9.829   0.303   1.00 20.39 ? 267 HOH A O   1 
HETATM 617 O  O   . HOH D 4 .  ? -0.793  0.090   -10.001 1.00 33.29 ? 268 HOH A O   1 
HETATM 618 O  O   . HOH D 4 .  ? -8.668  0.051   -7.216  1.00 28.43 ? 269 HOH A O   1 
HETATM 619 O  O   . HOH D 4 .  ? -11.524 6.577   -2.014  1.00 25.77 ? 270 HOH A O   1 
HETATM 620 O  O   . HOH D 4 .  ? -7.197  6.238   -6.400  1.00 23.78 ? 271 HOH A O   1 
HETATM 621 O  O   . HOH D 4 .  ? -1.939  1.538   -8.008  1.00 23.98 ? 272 HOH A O   1 
# 
